data_2HJ4
#
_entry.id   2HJ4
#
_cell.length_a   91.254
_cell.length_b   96.544
_cell.length_c   120.632
_cell.angle_alpha   90.000
_cell.angle_beta   90.000
_cell.angle_gamma   90.000
#
_symmetry.space_group_name_H-M   'P 21 21 21'
#
loop_
_entity.id
_entity.type
_entity.pdbx_description
1 polymer 'Aromatic amine dehydrogenase; chain D, H'
2 polymer 'Aromatic amine dehydrogenase; chain A, B'
3 non-polymer P-NITRO-BENZYLAMINE
4 water water
#
loop_
_entity_poly.entity_id
_entity_poly.type
_entity_poly.pdbx_seq_one_letter_code
_entity_poly.pdbx_strand_id
1 'polypeptide(L)'
;AGGGGSSSGADHISLNPDLANEDEVNSCDYWRHCAVDGFLCSCCGGTTTTCPPGSTPSPIS(TRQ)IGTCHNPHDGKDYL
ISYHDCCGKTACGRCQCNTQTRERPGYEFFLHNDVNWCMANENSTFHCTTSVLVGLAKN
;
D,H
2 'polypeptide(L)'
;REVLTGGHSVSAPQENRIYVMDSVFMHLTESRVHVYDYTNGKFLGMVPTAFNGHVQVSNDGKKIYTMTTYHERITRGKRS
DVVEVWDADKLTFEKEISLPPKRVQGLNYDGLFRQTTDGKFIVLQNASPATSIGIVDVAKGDYVEDVTAAAGCWSVIPQP
NRPRSFMTICGDGGLLTINLGEDGKVASQSRSKQMFSVKDDPIFIAPALDKDKAHFVSYYGNVYSADFSGDEVKVDGPWS
LLNDEDKAKNWVPGGYNLVGLHRASGRMYVFMHPDGKEGTHKFPAAEIWVMDTKTKQRVARIPGRDALSMTIDQQRNLML
TLDGGNVNVYDISQPEPKLLRTIEGAAEASLQVQFHPVGGT
;
A,B
#
# COMPACT_ATOMS: atom_id res chain seq x y z
N GLU A 24 4.81 22.88 -17.42
CA GLU A 24 6.29 22.72 -17.37
C GLU A 24 6.65 21.23 -17.49
N VAL A 25 7.87 20.85 -17.16
CA VAL A 25 8.26 19.44 -17.22
C VAL A 25 7.50 18.55 -16.23
N ASN A 26 6.94 19.15 -15.17
CA ASN A 26 6.13 18.38 -14.19
C ASN A 26 4.71 18.13 -14.69
N SER A 27 4.34 18.70 -15.83
CA SER A 27 3.03 18.51 -16.41
C SER A 27 3.03 17.25 -17.26
N CYS A 28 1.97 16.44 -17.15
CA CYS A 28 1.84 15.23 -17.95
C CYS A 28 1.74 15.56 -19.43
N ASP A 29 1.26 16.78 -19.72
CA ASP A 29 1.16 17.26 -21.10
C ASP A 29 2.47 17.79 -21.68
N TYR A 30 3.52 17.90 -20.86
CA TYR A 30 4.82 18.28 -21.40
C TYR A 30 5.14 17.34 -22.55
N TRP A 31 5.60 17.91 -23.67
CA TRP A 31 5.69 17.16 -24.93
C TRP A 31 6.54 15.87 -24.88
N ARG A 32 7.63 15.89 -24.12
CA ARG A 32 8.48 14.71 -24.02
C ARG A 32 7.83 13.53 -23.30
N HIS A 33 6.77 13.79 -22.55
CA HIS A 33 6.18 12.74 -21.70
C HIS A 33 5.10 11.95 -22.47
N CYS A 34 5.19 11.90 -23.79
CA CYS A 34 4.04 11.44 -24.61
C CYS A 34 3.75 9.91 -24.49
N ALA A 35 4.69 9.14 -23.95
CA ALA A 35 4.44 7.70 -23.72
C ALA A 35 4.83 7.28 -22.29
N VAL A 36 4.71 8.20 -21.34
CA VAL A 36 4.95 7.88 -19.93
C VAL A 36 3.69 7.27 -19.32
N ASP A 37 3.86 6.11 -18.67
CA ASP A 37 2.84 5.61 -17.79
C ASP A 37 3.57 5.33 -16.50
N GLY A 38 3.55 6.32 -15.61
CA GLY A 38 4.24 6.24 -14.32
C GLY A 38 4.32 7.58 -13.65
N PHE A 39 5.20 7.68 -12.66
CA PHE A 39 5.42 8.92 -11.92
C PHE A 39 6.61 9.65 -12.50
N LEU A 40 6.43 10.94 -12.78
CA LEU A 40 7.55 11.76 -13.26
C LEU A 40 8.61 11.92 -12.18
N CYS A 41 9.84 11.53 -12.48
CA CYS A 41 10.94 11.67 -11.51
C CYS A 41 11.20 13.11 -11.09
N SER A 42 10.87 14.05 -11.97
CA SER A 42 11.06 15.47 -11.69
C SER A 42 10.19 15.94 -10.53
N CYS A 43 9.17 15.14 -10.17
CA CYS A 43 8.33 15.40 -8.99
C CYS A 43 8.70 14.58 -7.77
N CYS A 44 9.78 13.80 -7.89
CA CYS A 44 10.15 12.78 -6.91
C CYS A 44 11.55 13.06 -6.35
N GLY A 45 12.02 14.29 -6.51
CA GLY A 45 13.36 14.66 -6.06
C GLY A 45 14.46 14.45 -7.09
N GLY A 46 14.08 14.08 -8.31
CA GLY A 46 15.03 13.96 -9.43
C GLY A 46 14.73 15.02 -10.45
N THR A 47 15.16 14.77 -11.68
CA THR A 47 14.82 15.64 -12.79
C THR A 47 14.41 14.78 -13.98
N THR A 48 14.04 15.45 -15.07
CA THR A 48 13.71 14.79 -16.31
C THR A 48 14.74 13.75 -16.73
N THR A 49 16.01 13.99 -16.40
CA THR A 49 17.14 13.16 -16.79
C THR A 49 18.02 12.64 -15.63
N THR A 50 17.55 12.73 -14.39
CA THR A 50 18.32 12.20 -13.25
C THR A 50 17.39 11.50 -12.24
N CYS A 51 17.86 10.38 -11.71
CA CYS A 51 17.06 9.65 -10.72
C CYS A 51 17.09 10.35 -9.36
N PRO A 52 15.97 10.28 -8.62
CA PRO A 52 16.04 10.77 -7.25
C PRO A 52 17.16 10.08 -6.47
N PRO A 53 17.68 10.73 -5.42
CA PRO A 53 18.72 10.10 -4.64
C PRO A 53 18.38 8.67 -4.18
N GLY A 54 19.32 7.75 -4.39
CA GLY A 54 19.16 6.35 -3.96
C GLY A 54 18.23 5.48 -4.78
N SER A 55 17.83 5.97 -5.95
CA SER A 55 17.14 5.14 -6.94
C SER A 55 18.07 4.94 -8.12
N THR A 56 17.97 3.75 -8.72
CA THR A 56 18.91 3.27 -9.71
C THR A 56 18.29 3.32 -11.11
N PRO A 57 19.00 3.95 -12.09
CA PRO A 57 18.53 3.94 -13.47
C PRO A 57 18.40 2.51 -14.05
N SER A 58 17.35 2.29 -14.83
CA SER A 58 17.25 1.08 -15.62
C SER A 58 18.12 1.19 -16.89
N PRO A 59 18.91 0.14 -17.18
CA PRO A 59 19.72 0.15 -18.40
C PRO A 59 18.94 -0.10 -19.69
N ILE A 60 17.66 -0.43 -19.55
CA ILE A 60 16.74 -0.72 -20.66
C ILE A 60 15.49 0.11 -20.47
N SER A 61 14.69 0.26 -21.51
CA SER A 61 13.51 1.09 -21.47
C SER A 61 12.66 0.87 -22.69
N TRQ A 62 11.40 1.27 -22.61
CA TRQ A 62 10.63 1.49 -23.82
C TRQ A 62 10.92 2.91 -24.29
O TRQ A 62 11.41 3.76 -23.53
CB TRQ A 62 9.13 1.31 -23.58
CG TRQ A 62 8.49 2.32 -22.69
CD1 TRQ A 62 7.93 3.47 -23.11
NE1 TRQ A 62 7.44 4.17 -22.06
CE2 TRQ A 62 7.67 3.47 -20.91
CZ2 TRQ A 62 7.34 3.79 -19.61
CH2 TRQ A 62 7.68 2.94 -18.60
CZ3 TRQ A 62 8.35 1.72 -18.88
CE3 TRQ A 62 8.69 1.38 -20.25
CD2 TRQ A 62 8.33 2.28 -21.27
O6 TRQ A 62 7.37 3.30 -17.35
O7 TRQ A 62 6.71 4.94 -19.41
N ILE A 63 10.62 3.14 -25.56
CA ILE A 63 10.98 4.37 -26.24
C ILE A 63 9.70 4.91 -26.84
N GLY A 64 9.61 6.23 -26.86
CA GLY A 64 8.49 6.91 -27.51
C GLY A 64 8.97 7.86 -28.58
N THR A 65 8.04 8.19 -29.47
CA THR A 65 8.26 9.18 -30.52
C THR A 65 7.35 10.35 -30.23
N CYS A 66 7.91 11.51 -29.83
CA CYS A 66 7.10 12.65 -29.42
C CYS A 66 7.36 13.92 -30.25
N HIS A 67 6.29 14.64 -30.55
CA HIS A 67 6.38 15.90 -31.30
C HIS A 67 6.74 17.11 -30.42
N ASN A 68 7.84 17.78 -30.75
CA ASN A 68 8.23 19.00 -30.05
C ASN A 68 7.54 20.19 -30.69
N PRO A 69 6.59 20.80 -29.98
CA PRO A 69 5.84 21.87 -30.63
C PRO A 69 6.69 23.14 -30.81
N HIS A 70 7.75 23.29 -30.00
CA HIS A 70 8.62 24.46 -30.05
C HIS A 70 9.40 24.60 -31.36
N ASP A 71 9.74 23.48 -31.98
CA ASP A 71 10.46 23.51 -33.27
C ASP A 71 9.78 22.73 -34.39
N GLY A 72 8.65 22.09 -34.10
CA GLY A 72 7.91 21.33 -35.10
C GLY A 72 8.54 19.99 -35.45
N LYS A 73 9.54 19.56 -34.68
CA LYS A 73 10.28 18.34 -34.98
C LYS A 73 9.92 17.21 -34.00
N ASP A 74 10.02 15.98 -34.49
CA ASP A 74 9.71 14.79 -33.70
C ASP A 74 10.98 14.12 -33.20
N TYR A 75 10.94 13.65 -31.95
CA TYR A 75 12.12 13.11 -31.29
C TYR A 75 11.86 11.77 -30.65
N LEU A 76 12.91 10.97 -30.60
CA LEU A 76 12.93 9.72 -29.88
C LEU A 76 13.21 10.05 -28.41
N ILE A 77 12.34 9.59 -27.51
CA ILE A 77 12.48 9.82 -26.08
C ILE A 77 12.64 8.44 -25.43
N SER A 78 13.67 8.28 -24.62
CA SER A 78 13.87 7.01 -23.90
C SER A 78 13.33 7.16 -22.48
N TYR A 79 12.47 6.22 -22.09
CA TYR A 79 11.81 6.28 -20.80
C TYR A 79 12.43 5.31 -19.82
N HIS A 80 13.68 5.62 -19.46
CA HIS A 80 14.41 4.91 -18.43
C HIS A 80 13.77 5.18 -17.08
N ASP A 81 13.54 4.11 -16.35
CA ASP A 81 12.94 4.21 -15.04
C ASP A 81 14.03 4.40 -14.04
N CYS A 82 13.62 4.81 -12.84
CA CYS A 82 14.48 4.78 -11.67
C CYS A 82 13.91 3.71 -10.73
N CYS A 83 14.78 2.87 -10.19
CA CYS A 83 14.37 1.61 -9.55
C CYS A 83 14.98 1.40 -8.17
N GLY A 84 14.45 0.44 -7.43
CA GLY A 84 15.03 0.07 -6.14
C GLY A 84 14.49 0.88 -4.97
N LYS A 85 13.46 1.67 -5.24
CA LYS A 85 12.65 2.31 -4.19
C LYS A 85 11.20 2.12 -4.53
N THR A 86 10.36 2.15 -3.51
CA THR A 86 8.91 2.03 -3.70
C THR A 86 8.29 3.26 -4.36
N ALA A 87 7.05 3.08 -4.78
CA ALA A 87 6.41 3.98 -5.69
C ALA A 87 6.48 5.43 -5.20
N CYS A 88 6.99 6.32 -6.04
CA CYS A 88 7.05 7.72 -5.69
C CYS A 88 5.67 8.31 -5.44
N GLY A 89 4.69 7.96 -6.26
CA GLY A 89 3.33 8.40 -6.02
C GLY A 89 2.96 9.83 -6.38
N ARG A 90 3.88 10.57 -6.98
CA ARG A 90 3.65 11.94 -7.36
C ARG A 90 3.73 12.08 -8.86
N CYS A 91 2.88 12.95 -9.41
CA CYS A 91 2.85 13.24 -10.85
C CYS A 91 2.71 11.98 -11.65
N GLN A 92 1.65 11.24 -11.35
CA GLN A 92 1.35 10.06 -12.11
C GLN A 92 0.85 10.50 -13.47
N CYS A 93 1.55 10.10 -14.52
CA CYS A 93 1.12 10.41 -15.88
C CYS A 93 0.85 9.12 -16.64
N ASN A 94 -0.05 9.22 -17.60
CA ASN A 94 -0.43 8.11 -18.44
C ASN A 94 -0.78 8.68 -19.82
N THR A 95 0.21 8.64 -20.71
CA THR A 95 0.03 9.06 -22.09
C THR A 95 0.53 7.92 -22.96
N GLN A 96 -0.13 7.72 -24.10
CA GLN A 96 -0.01 6.48 -24.86
C GLN A 96 0.22 6.76 -26.35
N THR A 97 0.75 7.94 -26.66
CA THR A 97 1.07 8.30 -28.05
C THR A 97 2.08 7.35 -28.72
N ARG A 98 1.63 6.64 -29.76
CA ARG A 98 2.48 5.69 -30.51
C ARG A 98 2.93 4.44 -29.69
N GLU A 99 2.35 4.27 -28.50
CA GLU A 99 2.57 3.09 -27.68
C GLU A 99 1.87 1.88 -28.30
N ARG A 100 2.54 0.73 -28.24
CA ARG A 100 2.05 -0.49 -28.89
C ARG A 100 2.15 -1.66 -27.94
N PRO A 101 1.44 -2.75 -28.24
CA PRO A 101 1.45 -3.90 -27.32
C PRO A 101 2.78 -4.65 -27.20
N GLY A 102 2.78 -5.67 -26.33
CA GLY A 102 3.99 -6.38 -26.01
C GLY A 102 4.72 -7.10 -27.13
N TYR A 103 4.05 -7.33 -28.25
CA TYR A 103 4.71 -7.90 -29.43
C TYR A 103 5.55 -6.85 -30.19
N GLU A 104 5.45 -5.58 -29.78
CA GLU A 104 6.42 -4.52 -30.13
C GLU A 104 7.02 -3.99 -28.82
N PHE A 105 7.89 -4.79 -28.23
CA PHE A 105 8.13 -4.76 -26.79
C PHE A 105 8.72 -3.43 -26.33
N PHE A 106 9.62 -2.87 -27.11
CA PHE A 106 10.29 -1.64 -26.71
C PHE A 106 9.53 -0.39 -27.06
N LEU A 107 8.31 -0.55 -27.57
CA LEU A 107 7.35 0.54 -27.69
C LEU A 107 6.24 0.43 -26.65
N HIS A 108 6.37 -0.54 -25.74
CA HIS A 108 5.27 -0.92 -24.85
C HIS A 108 5.53 -0.44 -23.41
N ASN A 109 4.51 0.16 -22.80
CA ASN A 109 4.64 0.72 -21.45
C ASN A 109 3.74 0.12 -20.35
N ASP A 110 3.14 -1.05 -20.59
CA ASP A 110 2.35 -1.72 -19.55
C ASP A 110 3.15 -2.77 -18.81
N VAL A 111 4.45 -2.75 -19.01
CA VAL A 111 5.38 -3.58 -18.29
C VAL A 111 6.34 -2.68 -17.50
N ASN A 112 6.99 -3.28 -16.53
CA ASN A 112 7.90 -2.60 -15.65
C ASN A 112 9.30 -2.50 -16.27
N TRP A 113 9.71 -1.35 -16.76
CA TRP A 113 11.07 -1.25 -17.32
C TRP A 113 12.24 -1.27 -16.29
N CYS A 114 11.90 -1.41 -15.00
CA CYS A 114 12.87 -1.84 -13.98
C CYS A 114 13.07 -3.35 -13.90
N MET A 115 12.45 -4.13 -14.80
CA MET A 115 12.37 -5.60 -14.70
C MET A 115 13.74 -6.30 -14.67
N ALA A 116 14.77 -5.62 -15.19
CA ALA A 116 16.11 -6.21 -15.27
C ALA A 116 17.09 -5.61 -14.26
N ASN A 117 16.63 -4.67 -13.43
CA ASN A 117 17.49 -4.05 -12.44
C ASN A 117 17.80 -5.01 -11.31
N GLU A 118 18.83 -4.69 -10.52
CA GLU A 118 19.20 -5.47 -9.37
C GLU A 118 18.02 -5.54 -8.41
N ASN A 119 17.35 -4.42 -8.23
CA ASN A 119 16.04 -4.44 -7.59
C ASN A 119 15.00 -3.80 -8.50
N SER A 120 14.00 -4.60 -8.85
CA SER A 120 13.00 -4.25 -9.85
C SER A 120 11.86 -3.39 -9.30
N THR A 121 11.87 -3.04 -8.02
CA THR A 121 10.81 -2.17 -7.51
C THR A 121 10.77 -0.84 -8.29
N PHE A 122 9.57 -0.46 -8.77
CA PHE A 122 9.41 0.72 -9.62
C PHE A 122 9.23 1.99 -8.79
N HIS A 123 10.07 3.00 -9.04
CA HIS A 123 10.04 4.25 -8.30
C HIS A 123 9.48 5.39 -9.12
N CYS A 124 10.15 5.75 -10.22
CA CYS A 124 9.66 6.80 -11.11
C CYS A 124 10.22 6.63 -12.51
N THR A 125 9.76 7.48 -13.43
CA THR A 125 10.09 7.36 -14.86
C THR A 125 10.76 8.66 -15.30
N THR A 126 11.82 8.53 -16.10
CA THR A 126 12.47 9.67 -16.73
C THR A 126 12.12 9.75 -18.21
N SER A 127 12.38 10.92 -18.80
CA SER A 127 12.05 11.18 -20.21
C SER A 127 13.29 11.81 -20.86
N VAL A 128 14.17 10.97 -21.40
CA VAL A 128 15.48 11.40 -21.87
C VAL A 128 15.47 11.57 -23.38
N LEU A 129 15.93 12.73 -23.83
CA LEU A 129 15.95 13.04 -25.26
C LEU A 129 17.09 12.28 -25.91
N VAL A 130 16.76 11.43 -26.88
CA VAL A 130 17.76 10.63 -27.57
C VAL A 130 18.19 11.33 -28.86
N GLY A 131 17.20 11.78 -29.65
CA GLY A 131 17.46 12.40 -30.95
C GLY A 131 16.20 12.51 -31.79
N LEU A 132 16.36 12.97 -33.03
CA LEU A 132 15.24 13.02 -33.98
C LEU A 132 14.75 11.61 -34.30
N HIS B 12 -30.38 -9.23 25.48
CA HIS B 12 -29.76 -10.54 25.11
C HIS B 12 -29.55 -10.66 23.60
N ILE B 13 -30.51 -10.17 22.81
CA ILE B 13 -30.37 -10.16 21.36
C ILE B 13 -29.26 -9.18 20.94
N SER B 14 -29.12 -8.09 21.69
CA SER B 14 -28.06 -7.12 21.47
C SER B 14 -26.69 -7.66 21.89
N LEU B 15 -26.65 -8.82 22.56
CA LEU B 15 -25.38 -9.50 22.85
C LEU B 15 -24.96 -10.47 21.76
N ASN B 16 -25.80 -10.69 20.76
CA ASN B 16 -25.47 -11.62 19.68
C ASN B 16 -25.45 -10.88 18.33
N PRO B 17 -24.26 -10.46 17.89
CA PRO B 17 -24.12 -9.71 16.65
C PRO B 17 -24.56 -10.52 15.42
N ASP B 18 -24.46 -11.84 15.50
CA ASP B 18 -24.88 -12.70 14.38
C ASP B 18 -26.37 -12.62 14.06
N LEU B 19 -27.16 -12.15 15.02
CA LEU B 19 -28.60 -12.01 14.80
C LEU B 19 -28.97 -10.62 14.28
N ALA B 20 -28.07 -9.66 14.42
CA ALA B 20 -28.35 -8.27 14.01
C ALA B 20 -28.22 -8.08 12.50
N ASN B 21 -28.85 -7.02 12.00
CA ASN B 21 -28.67 -6.60 10.61
C ASN B 21 -27.19 -6.25 10.39
N GLU B 22 -26.65 -6.72 9.27
CA GLU B 22 -25.21 -6.59 8.97
C GLU B 22 -24.74 -5.14 8.91
N ASP B 23 -25.59 -4.26 8.40
CA ASP B 23 -25.30 -2.82 8.40
C ASP B 23 -25.12 -2.25 9.80
N GLU B 24 -25.81 -2.81 10.78
CA GLU B 24 -25.69 -2.36 12.16
C GLU B 24 -24.32 -2.73 12.76
N VAL B 25 -23.97 -4.01 12.61
CA VAL B 25 -22.74 -4.55 13.17
C VAL B 25 -21.49 -4.08 12.42
N ASN B 26 -21.63 -3.78 11.14
CA ASN B 26 -20.53 -3.24 10.34
C ASN B 26 -20.30 -1.75 10.50
N SER B 27 -21.06 -1.10 11.38
CA SER B 27 -20.88 0.32 11.63
C SER B 27 -19.96 0.53 12.79
N CYS B 28 -19.14 1.57 12.71
CA CYS B 28 -18.21 1.90 13.77
C CYS B 28 -18.89 2.29 15.08
N ASP B 29 -20.17 2.65 15.00
CA ASP B 29 -20.94 3.08 16.17
C ASP B 29 -21.62 1.92 16.89
N TYR B 30 -21.54 0.70 16.34
CA TYR B 30 -22.03 -0.49 17.02
C TYR B 30 -21.39 -0.54 18.40
N TRP B 31 -22.21 -0.84 19.41
CA TRP B 31 -21.82 -0.56 20.79
C TRP B 31 -20.55 -1.31 21.19
N ARG B 32 -20.37 -2.55 20.73
CA ARG B 32 -19.18 -3.27 21.14
C ARG B 32 -17.86 -2.83 20.48
N HIS B 33 -17.91 -1.92 19.50
CA HIS B 33 -16.68 -1.44 18.84
C HIS B 33 -16.03 -0.19 19.47
N CYS B 34 -16.28 0.06 20.73
CA CYS B 34 -15.96 1.34 21.35
C CYS B 34 -14.45 1.66 21.49
N ALA B 35 -13.57 0.66 21.36
CA ALA B 35 -12.10 0.90 21.37
C ALA B 35 -11.42 0.23 20.21
N VAL B 36 -12.14 0.11 19.09
CA VAL B 36 -11.58 -0.44 17.84
C VAL B 36 -10.81 0.64 17.10
N ASP B 37 -9.56 0.32 16.75
CA ASP B 37 -8.78 1.14 15.86
C ASP B 37 -8.24 0.16 14.82
N GLY B 38 -8.96 0.05 13.72
CA GLY B 38 -8.63 -0.88 12.65
C GLY B 38 -9.83 -1.20 11.79
N PHE B 39 -9.70 -2.24 10.97
CA PHE B 39 -10.75 -2.60 10.03
C PHE B 39 -11.58 -3.68 10.66
N LEU B 40 -12.90 -3.51 10.66
CA LEU B 40 -13.80 -4.53 11.24
C LEU B 40 -13.76 -5.82 10.46
N CYS B 41 -13.37 -6.93 11.10
CA CYS B 41 -13.32 -8.23 10.37
C CYS B 41 -14.66 -8.64 9.74
N SER B 42 -15.76 -8.14 10.28
CA SER B 42 -17.09 -8.49 9.76
C SER B 42 -17.31 -7.95 8.34
N CYS B 43 -16.53 -6.94 7.96
CA CYS B 43 -16.52 -6.40 6.59
C CYS B 43 -15.45 -6.98 5.68
N CYS B 44 -14.69 -7.96 6.19
CA CYS B 44 -13.49 -8.47 5.53
C CYS B 44 -13.62 -9.96 5.20
N GLY B 45 -14.85 -10.46 5.21
CA GLY B 45 -15.11 -11.87 4.95
C GLY B 45 -15.18 -12.70 6.21
N GLY B 46 -15.00 -12.06 7.37
CA GLY B 46 -15.21 -12.71 8.66
C GLY B 46 -16.52 -12.28 9.30
N THR B 47 -16.57 -12.44 10.62
CA THR B 47 -17.71 -11.96 11.40
C THR B 47 -17.14 -11.27 12.64
N THR B 48 -18.02 -10.77 13.51
CA THR B 48 -17.60 -10.10 14.74
C THR B 48 -16.64 -10.98 15.57
N THR B 49 -16.77 -12.29 15.48
CA THR B 49 -16.01 -13.22 16.31
C THR B 49 -15.37 -14.35 15.52
N THR B 50 -15.16 -14.18 14.21
CA THR B 50 -14.47 -15.19 13.44
C THR B 50 -13.54 -14.45 12.44
N CYS B 51 -12.31 -14.93 12.29
CA CYS B 51 -11.38 -14.30 11.35
C CYS B 51 -11.76 -14.61 9.92
N PRO B 52 -11.55 -13.65 8.99
CA PRO B 52 -11.65 -13.98 7.57
C PRO B 52 -10.81 -15.20 7.21
N PRO B 53 -11.22 -15.97 6.19
CA PRO B 53 -10.43 -17.16 5.82
C PRO B 53 -8.95 -16.85 5.62
N GLY B 54 -8.11 -17.69 6.17
CA GLY B 54 -6.66 -17.54 6.00
C GLY B 54 -5.98 -16.45 6.82
N SER B 55 -6.70 -15.88 7.79
CA SER B 55 -6.09 -14.97 8.77
C SER B 55 -6.19 -15.59 10.15
N THR B 56 -5.19 -15.31 10.97
CA THR B 56 -4.99 -16.00 12.23
C THR B 56 -5.35 -15.13 13.40
N PRO B 57 -6.13 -15.67 14.37
CA PRO B 57 -6.47 -14.86 15.54
C PRO B 57 -5.23 -14.52 16.37
N SER B 58 -5.24 -13.33 16.97
CA SER B 58 -4.21 -12.97 17.92
C SER B 58 -4.55 -13.64 19.26
N PRO B 59 -3.54 -14.27 19.89
CA PRO B 59 -3.74 -14.84 21.23
C PRO B 59 -3.78 -13.76 22.34
N ILE B 60 -3.37 -12.54 22.00
CA ILE B 60 -3.35 -11.41 22.93
C ILE B 60 -4.16 -10.25 22.33
N SER B 61 -4.56 -9.29 23.15
CA SER B 61 -5.30 -8.12 22.67
C SER B 61 -5.27 -7.00 23.67
N TRQ B 62 -5.72 -5.84 23.25
CA TRQ B 62 -6.15 -4.84 24.20
C TRQ B 62 -7.62 -5.11 24.52
O TRQ B 62 -8.32 -5.84 23.79
CB TRQ B 62 -5.92 -3.40 23.70
CG TRQ B 62 -6.72 -2.99 22.48
CD1 TRQ B 62 -7.93 -2.39 22.49
NE1 TRQ B 62 -8.37 -2.18 21.23
CE2 TRQ B 62 -7.43 -2.62 20.35
CZ2 TRQ B 62 -7.45 -2.60 18.95
CH2 TRQ B 62 -6.40 -3.13 18.28
CZ3 TRQ B 62 -5.28 -3.66 18.97
CE3 TRQ B 62 -5.26 -3.69 20.39
CD2 TRQ B 62 -6.36 -3.16 21.09
O6 TRQ B 62 -6.42 -3.12 16.93
O7 TRQ B 62 -8.52 -2.05 18.37
N ILE B 63 -8.08 -4.54 25.61
CA ILE B 63 -9.46 -4.75 26.05
C ILE B 63 -10.14 -3.40 26.28
N GLY B 64 -11.43 -3.35 25.97
CA GLY B 64 -12.24 -2.15 26.24
C GLY B 64 -13.40 -2.51 27.14
N THR B 65 -14.00 -1.49 27.74
CA THR B 65 -15.29 -1.66 28.39
C THR B 65 -16.22 -0.76 27.63
N CYS B 66 -17.33 -1.31 27.15
CA CYS B 66 -18.26 -0.60 26.31
C CYS B 66 -19.63 -0.75 26.89
N HIS B 67 -20.38 0.34 26.79
CA HIS B 67 -21.75 0.36 27.26
C HIS B 67 -22.68 -0.18 26.18
N ASN B 68 -23.56 -1.08 26.57
CA ASN B 68 -24.62 -1.58 25.72
C ASN B 68 -25.86 -0.74 25.98
N PRO B 69 -26.24 0.11 25.02
CA PRO B 69 -27.36 1.02 25.23
C PRO B 69 -28.71 0.30 25.13
N HIS B 70 -28.69 -0.94 24.65
CA HIS B 70 -29.88 -1.72 24.45
C HIS B 70 -30.31 -2.38 25.74
N ASP B 71 -29.36 -2.95 26.48
CA ASP B 71 -29.67 -3.54 27.81
C ASP B 71 -29.14 -2.76 29.01
N GLY B 72 -28.53 -1.60 28.76
CA GLY B 72 -28.04 -0.73 29.84
C GLY B 72 -26.85 -1.21 30.67
N LYS B 73 -26.28 -2.37 30.34
CA LYS B 73 -25.13 -2.92 31.07
C LYS B 73 -23.81 -2.60 30.38
N ASP B 74 -22.72 -2.66 31.14
CA ASP B 74 -21.37 -2.41 30.63
C ASP B 74 -20.62 -3.73 30.50
N TYR B 75 -19.87 -3.88 29.42
CA TYR B 75 -19.25 -5.15 29.08
C TYR B 75 -17.79 -4.99 28.72
N LEU B 76 -17.04 -6.03 29.07
CA LEU B 76 -15.64 -6.14 28.79
C LEU B 76 -15.54 -6.74 27.38
N ILE B 77 -14.85 -6.04 26.50
CA ILE B 77 -14.67 -6.47 25.13
C ILE B 77 -13.18 -6.65 24.86
N SER B 78 -12.82 -7.77 24.24
CA SER B 78 -11.43 -8.06 23.90
C SER B 78 -11.24 -7.84 22.41
N TYR B 79 -10.28 -7.00 22.04
CA TYR B 79 -10.08 -6.63 20.63
C TYR B 79 -8.98 -7.47 20.01
N HIS B 80 -9.28 -8.75 19.84
CA HIS B 80 -8.36 -9.65 19.17
C HIS B 80 -8.30 -9.26 17.68
N ASP B 81 -7.11 -9.29 17.13
CA ASP B 81 -6.91 -9.02 15.73
C ASP B 81 -6.86 -10.34 15.00
N CYS B 82 -7.02 -10.23 13.68
CA CYS B 82 -6.71 -11.29 12.77
C CYS B 82 -5.51 -10.84 11.95
N CYS B 83 -4.56 -11.76 11.78
CA CYS B 83 -3.21 -11.47 11.37
C CYS B 83 -2.74 -12.36 10.23
N GLY B 84 -1.59 -11.97 9.66
CA GLY B 84 -0.94 -12.81 8.66
C GLY B 84 -1.47 -12.59 7.25
N LYS B 85 -2.30 -11.58 7.07
CA LYS B 85 -2.66 -11.08 5.73
C LYS B 85 -2.55 -9.57 5.78
N THR B 86 -2.33 -8.96 4.63
CA THR B 86 -2.28 -7.52 4.48
C THR B 86 -3.61 -6.83 4.74
N ALA B 87 -3.50 -5.53 4.93
CA ALA B 87 -4.58 -4.74 5.47
C ALA B 87 -5.87 -4.97 4.70
N CYS B 88 -6.92 -5.34 5.41
CA CYS B 88 -8.22 -5.54 4.77
C CYS B 88 -8.73 -4.30 4.03
N GLY B 89 -8.57 -3.15 4.67
CA GLY B 89 -8.94 -1.87 4.07
C GLY B 89 -10.39 -1.44 4.18
N ARG B 90 -11.26 -2.29 4.69
CA ARG B 90 -12.70 -1.99 4.75
C ARG B 90 -13.18 -1.74 6.18
N CYS B 91 -14.21 -0.89 6.30
CA CYS B 91 -14.78 -0.54 7.60
C CYS B 91 -13.71 -0.15 8.60
N GLN B 92 -12.88 0.82 8.21
CA GLN B 92 -11.88 1.33 9.13
C GLN B 92 -12.58 2.11 10.23
N CYS B 93 -12.29 1.75 11.48
CA CYS B 93 -12.92 2.41 12.61
C CYS B 93 -11.82 2.91 13.53
N ASN B 94 -12.12 4.00 14.24
CA ASN B 94 -11.21 4.62 15.18
C ASN B 94 -12.09 5.16 16.30
N THR B 95 -12.28 4.34 17.32
CA THR B 95 -13.04 4.76 18.52
C THR B 95 -12.10 4.51 19.70
N GLN B 96 -12.19 5.37 20.71
CA GLN B 96 -11.16 5.45 21.75
C GLN B 96 -11.74 5.51 23.16
N THR B 97 -12.97 5.02 23.31
CA THR B 97 -13.64 5.03 24.61
C THR B 97 -12.83 4.24 25.64
N ARG B 98 -12.41 4.93 26.69
CA ARG B 98 -11.62 4.37 27.80
C ARG B 98 -10.25 3.84 27.43
N GLU B 99 -9.81 4.15 26.20
CA GLU B 99 -8.48 3.80 25.75
C GLU B 99 -7.41 4.68 26.45
N ARG B 100 -6.30 4.04 26.79
CA ARG B 100 -5.21 4.68 27.52
C ARG B 100 -3.84 4.40 26.89
N PRO B 101 -2.85 5.23 27.22
CA PRO B 101 -1.51 5.10 26.62
C PRO B 101 -0.76 3.83 27.01
N GLY B 102 0.46 3.71 26.49
CA GLY B 102 1.20 2.47 26.51
C GLY B 102 1.68 2.06 27.87
N TYR B 103 1.67 3.01 28.82
CA TYR B 103 1.93 2.67 30.24
C TYR B 103 0.72 1.97 30.92
N GLU B 104 -0.40 1.84 30.20
CA GLU B 104 -1.51 0.94 30.56
C GLU B 104 -1.75 0.03 29.37
N PHE B 105 -0.79 -0.85 29.14
CA PHE B 105 -0.56 -1.43 27.81
C PHE B 105 -1.75 -2.21 27.25
N PHE B 106 -2.47 -2.92 28.08
CA PHE B 106 -3.58 -3.73 27.58
C PHE B 106 -4.89 -2.96 27.48
N LEU B 107 -4.81 -1.65 27.73
CA LEU B 107 -5.89 -0.74 27.39
C LEU B 107 -5.58 0.11 26.14
N HIS B 108 -4.45 -0.16 25.51
CA HIS B 108 -3.88 0.75 24.54
C HIS B 108 -4.06 0.18 23.12
N ASN B 109 -4.55 1.01 22.19
CA ASN B 109 -4.78 0.52 20.82
C ASN B 109 -3.95 1.15 19.68
N ASP B 110 -2.89 1.91 19.99
CA ASP B 110 -1.96 2.44 18.98
C ASP B 110 -0.81 1.50 18.70
N VAL B 111 -0.93 0.27 19.19
CA VAL B 111 0.02 -0.77 18.90
C VAL B 111 -0.69 -1.89 18.15
N ASN B 112 0.11 -2.72 17.51
CA ASN B 112 -0.40 -3.81 16.69
C ASN B 112 -0.63 -5.07 17.55
N TRP B 113 -1.86 -5.45 17.79
CA TRP B 113 -2.10 -6.59 18.68
C TRP B 113 -1.88 -7.94 17.97
N CYS B 114 -1.49 -7.90 16.69
CA CYS B 114 -0.85 -9.03 16.01
C CYS B 114 0.63 -9.22 16.38
N MET B 115 1.15 -8.44 17.32
CA MET B 115 2.61 -8.38 17.55
C MET B 115 3.23 -9.72 17.95
N ALA B 116 2.47 -10.61 18.58
CA ALA B 116 2.97 -11.91 19.03
C ALA B 116 2.61 -13.08 18.12
N ASN B 117 2.02 -12.79 16.95
CA ASN B 117 1.59 -13.84 16.03
C ASN B 117 2.77 -14.30 15.20
N GLU B 118 2.64 -15.49 14.62
CA GLU B 118 3.68 -16.06 13.78
C GLU B 118 3.99 -15.13 12.62
N ASN B 119 2.94 -14.50 12.07
CA ASN B 119 3.14 -13.38 11.17
C ASN B 119 2.38 -12.19 11.68
N SER B 120 3.09 -11.11 11.96
CA SER B 120 2.46 -9.96 12.61
C SER B 120 1.77 -8.97 11.64
N THR B 121 1.70 -9.26 10.34
CA THR B 121 0.93 -8.40 9.45
C THR B 121 -0.50 -8.23 9.92
N PHE B 122 -0.92 -6.96 10.05
CA PHE B 122 -2.23 -6.63 10.58
C PHE B 122 -3.30 -6.67 9.46
N HIS B 123 -4.28 -7.55 9.62
CA HIS B 123 -5.38 -7.71 8.65
C HIS B 123 -6.67 -6.96 9.04
N CYS B 124 -7.24 -7.34 10.20
CA CYS B 124 -8.48 -6.75 10.66
C CYS B 124 -8.59 -6.98 12.16
N THR B 125 -9.60 -6.34 12.76
CA THR B 125 -9.82 -6.34 14.20
C THR B 125 -11.25 -6.84 14.48
N THR B 126 -11.36 -7.67 15.53
CA THR B 126 -12.65 -8.22 15.99
C THR B 126 -12.98 -7.63 17.38
N SER B 127 -14.26 -7.75 17.79
CA SER B 127 -14.72 -7.30 19.10
C SER B 127 -15.42 -8.44 19.84
N VAL B 128 -14.64 -9.14 20.65
CA VAL B 128 -15.09 -10.38 21.30
C VAL B 128 -15.62 -10.05 22.69
N LEU B 129 -16.81 -10.57 23.00
CA LEU B 129 -17.45 -10.31 24.29
C LEU B 129 -16.88 -11.23 25.35
N VAL B 130 -16.22 -10.64 26.34
CA VAL B 130 -15.66 -11.39 27.46
C VAL B 130 -16.74 -11.59 28.53
N GLY B 131 -17.41 -10.50 28.89
CA GLY B 131 -18.55 -10.56 29.81
C GLY B 131 -18.77 -9.21 30.43
N LEU B 132 -19.45 -9.19 31.57
CA LEU B 132 -19.78 -7.95 32.26
C LEU B 132 -18.55 -7.27 32.84
N ALA B 133 -18.53 -5.94 32.82
CA ALA B 133 -17.37 -5.17 33.29
C ALA B 133 -17.28 -5.18 34.82
N GLU C 2 21.84 13.76 -23.96
CA GLU C 2 21.26 13.46 -22.61
C GLU C 2 21.41 11.99 -22.26
N VAL C 3 21.92 11.72 -21.06
CA VAL C 3 21.98 10.37 -20.53
C VAL C 3 21.46 10.41 -19.09
N LEU C 4 20.65 9.42 -18.71
CA LEU C 4 20.12 9.33 -17.35
C LEU C 4 21.21 8.87 -16.37
N THR C 5 21.38 9.61 -15.28
CA THR C 5 22.33 9.27 -14.23
C THR C 5 21.71 9.24 -12.83
N GLY C 6 22.38 8.50 -11.96
CA GLY C 6 22.06 8.38 -10.54
C GLY C 6 23.27 8.75 -9.69
N GLY C 7 23.29 8.29 -8.44
CA GLY C 7 24.35 8.67 -7.51
C GLY C 7 24.23 10.09 -6.95
N HIS C 8 23.07 10.73 -7.12
CA HIS C 8 22.91 12.14 -6.72
C HIS C 8 22.52 12.32 -5.27
N SER C 9 22.81 13.50 -4.74
CA SER C 9 22.51 13.83 -3.36
C SER C 9 21.30 14.73 -3.33
N VAL C 10 20.71 14.82 -2.16
CA VAL C 10 19.54 15.64 -2.00
C VAL C 10 19.92 17.04 -2.40
N SER C 11 19.02 17.66 -3.17
CA SER C 11 19.31 18.92 -3.81
C SER C 11 19.31 20.12 -2.87
N ALA C 12 18.56 20.04 -1.78
CA ALA C 12 18.38 21.17 -0.87
C ALA C 12 19.34 21.05 0.31
N PRO C 13 19.74 22.20 0.90
CA PRO C 13 20.63 22.13 2.05
C PRO C 13 19.96 21.44 3.21
N GLN C 14 20.75 20.81 4.08
CA GLN C 14 20.23 20.02 5.23
C GLN C 14 19.29 20.83 6.11
N GLU C 15 19.63 22.10 6.31
CA GLU C 15 18.85 22.99 7.15
C GLU C 15 17.43 23.20 6.63
N ASN C 16 17.17 22.91 5.35
CA ASN C 16 15.81 23.02 4.80
C ASN C 16 14.95 21.76 4.98
N ARG C 17 15.54 20.66 5.45
CA ARG C 17 14.94 19.32 5.32
C ARG C 17 14.05 18.91 6.47
N ILE C 18 12.91 18.32 6.11
CA ILE C 18 12.02 17.73 7.13
C ILE C 18 11.68 16.31 6.66
N TYR C 19 11.23 15.50 7.61
CA TYR C 19 11.06 14.05 7.42
C TYR C 19 9.66 13.68 7.84
N VAL C 20 8.81 13.33 6.87
CA VAL C 20 7.42 12.97 7.13
C VAL C 20 7.30 11.44 7.09
N MET C 21 6.99 10.85 8.23
CA MET C 21 6.97 9.38 8.35
C MET C 21 5.58 8.93 7.98
N ASP C 22 5.44 8.43 6.75
CA ASP C 22 4.16 8.01 6.24
C ASP C 22 3.95 6.52 6.52
N SER C 23 3.03 6.25 7.43
CA SER C 23 2.66 4.85 7.78
C SER C 23 2.01 4.12 6.63
N VAL C 24 1.34 4.88 5.75
CA VAL C 24 0.57 4.29 4.68
C VAL C 24 -0.27 3.17 5.27
N PHE C 25 -1.04 3.51 6.30
CA PHE C 25 -1.76 2.49 7.09
C PHE C 25 -2.63 1.56 6.22
N MET C 26 -3.24 2.09 5.17
CA MET C 26 -4.09 1.23 4.29
C MET C 26 -3.28 0.17 3.58
N HIS C 27 -1.97 0.44 3.43
CA HIS C 27 -1.01 -0.52 2.90
C HIS C 27 0.29 -0.50 3.71
N LEU C 28 0.13 -0.89 4.98
CA LEU C 28 1.15 -0.67 6.01
C LEU C 28 2.47 -1.38 5.73
N THR C 29 2.50 -2.35 4.81
CA THR C 29 3.77 -2.98 4.47
C THR C 29 4.62 -2.10 3.54
N GLU C 30 4.05 -0.98 3.10
CA GLU C 30 4.78 -0.09 2.20
C GLU C 30 4.90 1.31 2.81
N SER C 31 5.12 1.36 4.12
CA SER C 31 5.42 2.63 4.78
C SER C 31 6.75 3.20 4.23
N ARG C 32 6.90 4.51 4.36
CA ARG C 32 8.11 5.21 3.90
C ARG C 32 8.24 6.59 4.54
N VAL C 33 9.47 7.12 4.46
CA VAL C 33 9.78 8.48 4.92
C VAL C 33 9.82 9.37 3.68
N HIS C 34 9.03 10.44 3.66
CA HIS C 34 9.12 11.40 2.59
C HIS C 34 9.98 12.56 3.11
N VAL C 35 10.94 12.99 2.30
CA VAL C 35 11.81 14.11 2.70
C VAL C 35 11.36 15.31 1.91
N TYR C 36 11.10 16.41 2.61
CA TYR C 36 10.62 17.63 2.00
C TYR C 36 11.50 18.83 2.38
N ASP C 37 11.46 19.85 1.53
CA ASP C 37 12.05 21.17 1.82
C ASP C 37 10.96 22.03 2.43
N TYR C 38 11.07 22.38 3.72
CA TYR C 38 10.00 23.14 4.36
C TYR C 38 9.89 24.58 3.83
N THR C 39 10.93 25.08 3.17
CA THR C 39 10.92 26.51 2.73
C THR C 39 10.03 26.73 1.51
N ASN C 40 9.86 25.68 0.68
CA ASN C 40 9.12 25.79 -0.57
C ASN C 40 8.22 24.60 -0.89
N GLY C 41 8.19 23.60 0.00
CA GLY C 41 7.28 22.48 -0.15
C GLY C 41 7.72 21.44 -1.16
N LYS C 42 8.95 21.54 -1.66
CA LYS C 42 9.46 20.61 -2.64
C LYS C 42 9.72 19.22 -2.05
N PHE C 43 9.33 18.18 -2.78
CA PHE C 43 9.66 16.78 -2.46
C PHE C 43 11.11 16.50 -2.85
N LEU C 44 11.91 16.09 -1.86
CA LEU C 44 13.36 15.92 -2.06
C LEU C 44 13.79 14.45 -2.24
N GLY C 45 12.90 13.52 -1.85
CA GLY C 45 13.22 12.10 -1.92
C GLY C 45 12.54 11.33 -0.82
N MET C 46 12.90 10.06 -0.70
CA MET C 46 12.22 9.16 0.25
C MET C 46 13.07 7.96 0.62
N VAL C 47 12.72 7.33 1.73
CA VAL C 47 13.35 6.10 2.19
C VAL C 47 12.25 5.06 2.44
N PRO C 48 12.27 3.91 1.74
CA PRO C 48 11.27 2.86 1.99
C PRO C 48 11.50 2.20 3.34
N THR C 49 10.43 1.94 4.08
CA THR C 49 10.54 1.41 5.43
C THR C 49 9.61 0.21 5.72
N ALA C 50 9.23 -0.51 4.68
CA ALA C 50 8.51 -1.76 4.83
C ALA C 50 7.32 -1.68 5.80
N PHE C 51 7.16 -2.65 6.70
CA PHE C 51 6.02 -2.66 7.60
C PHE C 51 6.24 -1.76 8.83
N ASN C 52 5.35 -0.78 8.94
CA ASN C 52 5.33 0.14 10.07
C ASN C 52 6.73 0.64 10.43
N GLY C 53 7.35 1.35 9.50
CA GLY C 53 8.66 1.93 9.72
C GLY C 53 8.62 3.04 10.76
N HIS C 54 9.72 3.17 11.49
CA HIS C 54 9.98 4.35 12.34
C HIS C 54 11.27 5.01 11.83
N VAL C 55 11.42 6.29 12.12
CA VAL C 55 12.54 7.05 11.62
C VAL C 55 13.05 8.08 12.64
N GLN C 56 14.36 8.31 12.61
CA GLN C 56 14.98 9.51 13.21
C GLN C 56 16.20 9.88 12.39
N VAL C 57 16.72 11.08 12.60
CA VAL C 57 17.94 11.53 11.95
C VAL C 57 19.05 11.57 13.00
N SER C 58 20.25 11.16 12.63
CA SER C 58 21.34 11.14 13.58
C SER C 58 21.58 12.56 14.11
N ASN C 59 21.94 12.64 15.38
CA ASN C 59 22.19 13.94 16.00
C ASN C 59 23.17 14.78 15.20
N ASP C 60 24.11 14.14 14.51
CA ASP C 60 25.10 14.91 13.74
C ASP C 60 24.63 15.27 12.35
N GLY C 61 23.42 14.80 11.99
CA GLY C 61 22.81 15.13 10.70
C GLY C 61 23.33 14.39 9.48
N LYS C 62 24.22 13.42 9.68
CA LYS C 62 24.86 12.72 8.61
C LYS C 62 24.12 11.48 8.14
N LYS C 63 23.31 10.90 9.03
CA LYS C 63 22.62 9.64 8.74
C LYS C 63 21.16 9.67 9.12
N ILE C 64 20.38 8.86 8.42
CA ILE C 64 19.01 8.58 8.79
C ILE C 64 18.96 7.17 9.36
N TYR C 65 18.30 7.02 10.49
CA TYR C 65 18.07 5.71 11.07
C TYR C 65 16.60 5.32 10.88
N THR C 66 16.38 4.12 10.36
CA THR C 66 15.04 3.55 10.35
C THR C 66 14.95 2.30 11.19
N MET C 67 13.72 1.96 11.58
CA MET C 67 13.45 0.73 12.27
C MET C 67 12.23 0.11 11.62
N THR C 68 12.33 -1.17 11.29
CA THR C 68 11.25 -1.84 10.59
C THR C 68 11.28 -3.35 10.81
N THR C 69 10.29 -4.02 10.21
CA THR C 69 10.13 -5.47 10.25
C THR C 69 9.97 -6.00 8.83
N TYR C 70 10.75 -7.03 8.52
CA TYR C 70 10.64 -7.82 7.28
C TYR C 70 10.25 -9.26 7.61
N HIS C 71 9.67 -9.95 6.63
CA HIS C 71 9.52 -11.42 6.69
C HIS C 71 9.96 -11.93 5.33
N GLU C 72 10.51 -13.14 5.28
CA GLU C 72 11.01 -13.71 4.04
C GLU C 72 9.98 -13.68 2.90
N ARG C 73 8.70 -13.86 3.23
CA ARG C 73 7.64 -13.78 2.22
C ARG C 73 6.54 -12.82 2.67
N ILE C 74 6.96 -11.78 3.39
CA ILE C 74 6.07 -10.69 3.89
C ILE C 74 5.00 -11.12 4.88
N THR C 75 4.04 -11.93 4.41
CA THR C 75 2.95 -12.43 5.23
C THR C 75 3.20 -13.84 5.77
N ARG C 76 4.33 -14.43 5.43
CA ARG C 76 4.76 -15.70 6.01
C ARG C 76 6.28 -15.71 5.96
N GLY C 77 6.88 -16.69 6.63
CA GLY C 77 8.34 -16.81 6.62
C GLY C 77 8.98 -16.14 7.84
N LYS C 78 10.30 -16.27 7.94
CA LYS C 78 11.02 -15.80 9.13
C LYS C 78 11.00 -14.28 9.26
N ARG C 79 10.81 -13.82 10.49
CA ARG C 79 10.79 -12.39 10.81
C ARG C 79 12.21 -11.86 11.02
N SER C 80 12.47 -10.63 10.53
CA SER C 80 13.68 -9.89 10.82
C SER C 80 13.29 -8.46 11.26
N ASP C 81 13.48 -8.17 12.54
CA ASP C 81 13.39 -6.78 13.05
C ASP C 81 14.76 -6.15 12.94
N VAL C 82 14.83 -4.95 12.40
CA VAL C 82 16.12 -4.31 12.16
C VAL C 82 16.05 -2.82 12.43
N VAL C 83 17.23 -2.26 12.72
CA VAL C 83 17.53 -0.89 12.49
C VAL C 83 18.34 -0.82 11.19
N GLU C 84 18.09 0.21 10.40
CA GLU C 84 18.90 0.48 9.23
C GLU C 84 19.52 1.87 9.30
N VAL C 85 20.77 1.94 8.84
CA VAL C 85 21.46 3.19 8.68
C VAL C 85 21.52 3.54 7.22
N TRP C 86 21.07 4.77 6.92
CA TRP C 86 21.01 5.34 5.60
C TRP C 86 21.80 6.64 5.55
N ASP C 87 22.52 6.88 4.47
CA ASP C 87 23.12 8.21 4.28
C ASP C 87 22.06 9.30 4.10
N ALA C 88 22.23 10.40 4.82
CA ALA C 88 21.26 11.47 4.80
C ALA C 88 21.23 12.25 3.49
N ASP C 89 22.37 12.33 2.79
CA ASP C 89 22.41 13.14 1.59
C ASP C 89 22.12 12.33 0.35
N LYS C 90 22.62 11.10 0.30
CA LYS C 90 22.40 10.21 -0.84
C LYS C 90 21.12 9.39 -0.71
N LEU C 91 20.54 9.33 0.49
CA LEU C 91 19.33 8.52 0.77
C LEU C 91 19.49 7.08 0.27
N THR C 92 20.64 6.51 0.61
CA THR C 92 21.04 5.16 0.25
C THR C 92 21.25 4.33 1.50
N PHE C 93 20.99 3.03 1.37
CA PHE C 93 21.10 2.12 2.47
C PHE C 93 22.57 1.81 2.71
N GLU C 94 22.98 1.78 3.97
CA GLU C 94 24.39 1.48 4.33
C GLU C 94 24.57 0.24 5.16
N LYS C 95 23.76 0.07 6.20
CA LYS C 95 23.99 -0.97 7.20
C LYS C 95 22.69 -1.39 7.86
N GLU C 96 22.57 -2.71 8.11
CA GLU C 96 21.48 -3.29 8.86
C GLU C 96 22.00 -3.77 10.20
N ILE C 97 21.26 -3.43 11.25
CA ILE C 97 21.54 -3.86 12.61
C ILE C 97 20.40 -4.76 13.06
N SER C 98 20.71 -6.00 13.42
CA SER C 98 19.69 -6.98 13.85
C SER C 98 19.14 -6.70 15.25
N LEU C 99 17.82 -6.79 15.38
CA LEU C 99 17.14 -6.67 16.65
C LEU C 99 16.51 -7.98 17.02
N PRO C 100 16.24 -8.19 18.33
CA PRO C 100 15.37 -9.32 18.68
C PRO C 100 13.96 -9.02 18.13
N PRO C 101 13.21 -10.08 17.79
CA PRO C 101 11.94 -9.86 17.08
C PRO C 101 10.80 -9.42 17.96
N LYS C 102 10.99 -8.26 18.57
CA LYS C 102 10.03 -7.70 19.48
C LYS C 102 10.02 -6.17 19.44
N ARG C 103 10.59 -5.56 18.40
CA ARG C 103 10.52 -4.09 18.30
C ARG C 103 9.04 -3.68 18.25
N VAL C 104 8.71 -2.50 18.81
CA VAL C 104 7.34 -2.06 18.87
C VAL C 104 6.79 -1.85 17.47
N GLN C 105 5.64 -2.45 17.23
CA GLN C 105 4.82 -2.20 16.02
C GLN C 105 3.66 -1.35 16.45
N GLY C 106 3.70 -0.09 16.04
CA GLY C 106 2.68 0.87 16.44
C GLY C 106 2.87 2.24 15.82
N LEU C 107 1.90 3.11 16.05
CA LEU C 107 1.89 4.45 15.50
C LEU C 107 3.12 5.25 15.95
N ASN C 108 3.54 6.19 15.12
CA ASN C 108 4.88 6.84 15.24
C ASN C 108 4.97 7.98 16.25
N TYR C 109 4.74 7.66 17.51
CA TYR C 109 5.12 8.56 18.59
C TYR C 109 6.66 8.69 18.62
N ASP C 110 7.17 9.91 18.80
CA ASP C 110 8.62 10.13 18.83
C ASP C 110 9.32 9.17 19.82
N GLY C 111 8.70 8.95 20.97
CA GLY C 111 9.34 8.24 22.08
C GLY C 111 9.57 6.75 21.87
N LEU C 112 9.12 6.22 20.75
CA LEU C 112 9.34 4.79 20.48
C LEU C 112 10.69 4.50 19.85
N PHE C 113 11.33 5.53 19.30
CA PHE C 113 12.57 5.37 18.54
C PHE C 113 13.40 6.64 18.65
N ARG C 114 14.37 6.59 19.57
CA ARG C 114 15.17 7.75 19.96
C ARG C 114 16.66 7.41 19.98
N GLN C 115 17.45 8.42 20.38
CA GLN C 115 18.88 8.21 20.55
C GLN C 115 19.34 9.03 21.77
N THR C 116 20.51 8.66 22.28
CA THR C 116 21.10 9.39 23.40
C THR C 116 21.59 10.76 22.94
N THR C 117 21.66 11.70 23.86
CA THR C 117 22.20 13.02 23.52
C THR C 117 23.55 12.98 22.81
N ASP C 118 24.46 12.12 23.25
CA ASP C 118 25.78 12.03 22.65
C ASP C 118 25.79 11.32 21.27
N GLY C 119 24.63 10.81 20.85
CA GLY C 119 24.48 10.14 19.55
C GLY C 119 25.07 8.74 19.45
N LYS C 120 25.55 8.18 20.55
CA LYS C 120 26.27 6.91 20.47
C LYS C 120 25.35 5.70 20.46
N PHE C 121 24.19 5.85 21.08
CA PHE C 121 23.23 4.75 21.19
C PHE C 121 21.84 5.11 20.67
N ILE C 122 21.26 4.16 19.95
CA ILE C 122 19.85 4.23 19.61
C ILE C 122 19.10 3.52 20.73
N VAL C 123 18.02 4.15 21.18
CA VAL C 123 17.21 3.65 22.28
C VAL C 123 15.80 3.45 21.73
N LEU C 124 15.31 2.20 21.77
CA LEU C 124 14.01 1.85 21.15
C LEU C 124 13.08 1.07 22.08
N GLN C 125 11.78 1.19 21.83
CA GLN C 125 10.80 0.52 22.64
C GLN C 125 10.49 -0.87 22.05
N ASN C 126 10.52 -1.87 22.93
CA ASN C 126 10.10 -3.27 22.63
C ASN C 126 8.78 -3.63 23.31
N ALA C 127 8.07 -4.57 22.71
CA ALA C 127 6.91 -5.15 23.33
C ALA C 127 6.74 -6.57 22.81
N SER C 128 6.69 -7.52 23.72
CA SER C 128 6.65 -8.93 23.37
C SER C 128 5.39 -9.78 23.74
N PRO C 129 4.36 -9.22 24.40
CA PRO C 129 3.93 -7.88 24.79
C PRO C 129 4.58 -7.26 26.05
N ALA C 130 5.39 -8.03 26.79
CA ALA C 130 6.13 -7.49 27.92
C ALA C 130 7.03 -6.38 27.40
N THR C 131 7.04 -5.23 28.06
CA THR C 131 7.83 -4.13 27.54
C THR C 131 9.26 -4.15 28.08
N SER C 132 10.17 -3.75 27.23
CA SER C 132 11.55 -3.49 27.58
C SER C 132 12.08 -2.44 26.62
N ILE C 133 13.24 -1.91 26.95
CA ILE C 133 13.92 -0.92 26.09
C ILE C 133 15.20 -1.50 25.54
N GLY C 134 15.31 -1.45 24.23
CA GLY C 134 16.49 -1.88 23.56
C GLY C 134 17.53 -0.79 23.36
N ILE C 135 18.79 -1.18 23.56
CA ILE C 135 19.92 -0.30 23.25
C ILE C 135 20.78 -0.82 22.10
N VAL C 136 20.98 0.04 21.11
CA VAL C 136 21.79 -0.26 19.96
C VAL C 136 23.01 0.64 19.91
N ASP C 137 24.18 0.02 19.88
CA ASP C 137 25.44 0.71 19.70
C ASP C 137 25.63 1.03 18.21
N VAL C 138 25.54 2.31 17.90
CA VAL C 138 25.59 2.75 16.51
C VAL C 138 26.94 2.38 15.84
N ALA C 139 28.04 2.78 16.47
CA ALA C 139 29.38 2.52 15.95
C ALA C 139 29.64 1.01 15.75
N LYS C 140 29.24 0.22 16.73
CA LYS C 140 29.40 -1.23 16.64
C LYS C 140 28.36 -1.93 15.75
N GLY C 141 27.25 -1.27 15.47
CA GLY C 141 26.16 -1.87 14.71
C GLY C 141 25.58 -3.11 15.37
N ASP C 142 25.36 -3.02 16.68
CA ASP C 142 25.01 -4.16 17.49
C ASP C 142 23.96 -3.76 18.49
N TYR C 143 23.04 -4.69 18.76
CA TYR C 143 22.11 -4.58 19.87
C TYR C 143 22.90 -5.03 21.08
N VAL C 144 22.98 -4.23 22.13
CA VAL C 144 23.91 -4.51 23.24
C VAL C 144 23.31 -4.66 24.63
N GLU C 145 22.11 -4.15 24.84
CA GLU C 145 21.47 -4.18 26.14
C GLU C 145 19.96 -4.25 25.95
N ASP C 146 19.32 -5.03 26.79
CA ASP C 146 17.88 -5.12 26.89
C ASP C 146 17.50 -4.70 28.30
N VAL C 147 16.82 -3.56 28.39
CA VAL C 147 16.46 -2.98 29.67
C VAL C 147 15.09 -3.49 30.12
N THR C 148 15.11 -4.69 30.72
CA THR C 148 13.89 -5.32 31.21
C THR C 148 13.38 -4.67 32.49
N ALA C 149 14.23 -3.88 33.12
CA ALA C 149 13.83 -3.07 34.29
C ALA C 149 12.73 -2.09 33.93
N ALA C 150 12.65 -1.77 32.64
CA ALA C 150 11.58 -0.88 32.14
C ALA C 150 10.25 -1.58 31.89
N ALA C 151 10.13 -2.85 32.27
CA ALA C 151 8.87 -3.56 32.14
C ALA C 151 7.78 -2.80 32.85
N GLY C 152 6.63 -2.68 32.19
CA GLY C 152 5.50 -1.95 32.75
C GLY C 152 5.60 -0.44 32.50
N CYS C 153 6.64 -0.02 31.80
CA CYS C 153 6.78 1.38 31.39
C CYS C 153 6.68 1.50 29.87
N TRP C 154 6.69 2.74 29.39
CA TRP C 154 6.45 3.01 27.97
C TRP C 154 7.03 4.34 27.50
N SER C 155 7.75 4.26 26.38
CA SER C 155 8.42 5.35 25.65
C SER C 155 9.74 5.86 26.25
N VAL C 156 10.54 6.48 25.39
CA VAL C 156 11.88 6.94 25.70
C VAL C 156 11.92 8.47 25.61
N ILE C 157 12.35 9.11 26.70
CA ILE C 157 12.52 10.57 26.75
C ILE C 157 13.99 10.83 27.07
N PRO C 158 14.81 11.11 26.06
CA PRO C 158 16.21 11.34 26.36
C PRO C 158 16.37 12.62 27.17
N GLN C 159 17.46 12.71 27.93
CA GLN C 159 17.70 13.89 28.78
C GLN C 159 18.75 14.72 28.04
N PRO C 160 18.36 15.91 27.51
CA PRO C 160 19.32 16.65 26.67
C PRO C 160 20.52 17.21 27.42
N ASN C 161 20.44 17.23 28.75
CA ASN C 161 21.55 17.68 29.58
C ASN C 161 22.55 16.59 29.97
N ARG C 162 22.37 15.35 29.49
CA ARG C 162 23.28 14.26 29.78
C ARG C 162 23.55 13.46 28.54
N PRO C 163 24.75 12.90 28.42
CA PRO C 163 25.14 12.23 27.19
C PRO C 163 24.41 10.92 26.87
N ARG C 164 24.05 10.12 27.88
CA ARG C 164 23.46 8.80 27.62
C ARG C 164 22.52 8.36 28.71
N SER C 165 21.58 9.25 29.01
CA SER C 165 20.53 9.00 29.96
C SER C 165 19.17 9.26 29.32
N PHE C 166 18.15 8.56 29.80
CA PHE C 166 16.81 8.76 29.29
C PHE C 166 15.82 8.32 30.34
N MET C 167 14.58 8.76 30.19
CA MET C 167 13.52 8.39 31.08
C MET C 167 12.41 7.67 30.31
N THR C 168 11.56 6.98 31.06
CA THR C 168 10.39 6.30 30.52
C THR C 168 9.25 6.47 31.52
N ILE C 169 8.01 6.53 31.01
CA ILE C 169 6.83 6.69 31.85
C ILE C 169 6.30 5.35 32.28
N CYS C 170 6.02 5.18 33.57
CA CYS C 170 5.65 3.88 34.10
C CYS C 170 4.22 3.81 34.63
N GLY C 171 3.71 2.58 34.75
CA GLY C 171 2.32 2.35 35.16
C GLY C 171 2.01 2.73 36.60
N ASP C 172 3.04 3.08 37.35
CA ASP C 172 2.87 3.65 38.69
C ASP C 172 2.63 5.18 38.70
N GLY C 173 2.60 5.83 37.54
CA GLY C 173 2.49 7.29 37.46
C GLY C 173 3.81 8.06 37.63
N GLY C 174 4.92 7.35 37.68
CA GLY C 174 6.24 7.96 37.76
C GLY C 174 7.13 7.70 36.58
N LEU C 175 8.37 8.15 36.71
CA LEU C 175 9.38 8.05 35.68
C LEU C 175 10.53 7.21 36.14
N LEU C 176 11.01 6.35 35.25
CA LEU C 176 12.19 5.56 35.44
C LEU C 176 13.27 6.19 34.60
N THR C 177 14.37 6.58 35.24
CA THR C 177 15.58 7.08 34.56
C THR C 177 16.59 5.96 34.43
N ILE C 178 17.16 5.84 33.24
CA ILE C 178 18.18 4.86 32.93
C ILE C 178 19.39 5.62 32.46
N ASN C 179 20.54 5.30 33.08
CA ASN C 179 21.82 5.89 32.75
C ASN C 179 22.75 4.83 32.21
N LEU C 180 23.21 4.99 30.96
CA LEU C 180 24.04 3.98 30.31
C LEU C 180 25.52 4.20 30.55
N GLY C 181 26.25 3.09 30.65
CA GLY C 181 27.71 3.13 30.64
C GLY C 181 28.24 3.32 29.24
N GLU C 182 29.57 3.44 29.14
CA GLU C 182 30.24 3.69 27.86
C GLU C 182 30.00 2.57 26.84
N ASP C 183 29.68 1.37 27.33
CA ASP C 183 29.38 0.18 26.53
C ASP C 183 27.88 -0.04 26.22
N GLY C 184 27.02 0.83 26.75
CA GLY C 184 25.59 0.77 26.49
C GLY C 184 24.81 -0.08 27.46
N LYS C 185 25.51 -0.72 28.40
CA LYS C 185 24.82 -1.46 29.44
C LYS C 185 24.35 -0.45 30.47
N VAL C 186 23.31 -0.81 31.20
CA VAL C 186 22.76 0.07 32.19
C VAL C 186 23.78 0.18 33.32
N ALA C 187 24.20 1.41 33.63
CA ALA C 187 25.14 1.64 34.72
C ALA C 187 24.36 1.87 35.99
N SER C 188 23.38 2.75 35.91
CA SER C 188 22.52 3.05 37.06
C SER C 188 21.10 3.39 36.60
N GLN C 189 20.17 3.32 37.52
CA GLN C 189 18.80 3.69 37.24
C GLN C 189 18.17 4.29 38.50
N SER C 190 17.12 5.08 38.33
CA SER C 190 16.34 5.56 39.44
C SER C 190 14.87 5.70 39.06
N ARG C 191 14.01 5.66 40.08
CA ARG C 191 12.59 5.86 39.89
C ARG C 191 12.22 7.14 40.60
N SER C 192 11.47 8.01 39.92
CA SER C 192 10.95 9.21 40.54
C SER C 192 9.82 8.83 41.48
N LYS C 193 9.38 9.80 42.29
CA LYS C 193 8.11 9.69 42.98
C LYS C 193 6.98 9.79 41.95
N GLN C 194 5.76 9.53 42.38
CA GLN C 194 4.60 9.58 41.48
C GLN C 194 4.34 11.00 41.00
N MET C 195 4.25 11.14 39.68
CA MET C 195 3.96 12.43 39.05
C MET C 195 2.47 12.64 38.86
N PHE C 196 1.77 11.64 38.33
CA PHE C 196 0.36 11.73 38.03
C PHE C 196 -0.37 10.48 38.44
N SER C 197 -1.68 10.64 38.63
CA SER C 197 -2.62 9.55 38.87
C SER C 197 -3.02 8.89 37.55
N VAL C 198 -2.58 7.64 37.40
CA VAL C 198 -2.84 6.90 36.17
C VAL C 198 -4.35 6.78 35.93
N LYS C 199 -5.11 6.47 36.97
CA LYS C 199 -6.55 6.31 36.79
C LYS C 199 -7.30 7.64 36.67
N ASP C 200 -6.90 8.66 37.41
CA ASP C 200 -7.72 9.89 37.52
C ASP C 200 -7.29 11.02 36.59
N ASP C 201 -6.06 11.00 36.12
CA ASP C 201 -5.54 12.09 35.29
C ASP C 201 -4.39 11.61 34.42
N PRO C 202 -4.67 10.61 33.55
CA PRO C 202 -3.65 10.05 32.70
C PRO C 202 -3.04 11.11 31.79
N ILE C 203 -1.73 11.08 31.66
CA ILE C 203 -1.03 11.96 30.73
C ILE C 203 -0.85 11.37 29.33
N PHE C 204 -0.74 12.26 28.36
CA PHE C 204 -0.19 11.93 27.06
C PHE C 204 1.28 11.68 27.22
N ILE C 205 1.81 10.70 26.47
CA ILE C 205 3.22 10.37 26.54
C ILE C 205 4.17 11.39 25.92
N ALA C 206 3.68 12.22 25.00
CA ALA C 206 4.54 13.14 24.28
C ALA C 206 5.08 14.23 25.20
N PRO C 207 6.43 14.34 25.38
CA PRO C 207 6.93 15.39 26.25
C PRO C 207 7.03 16.73 25.52
N ALA C 208 6.84 17.81 26.26
CA ALA C 208 7.32 19.13 25.82
C ALA C 208 8.65 19.30 26.51
N LEU C 209 9.71 19.06 25.75
CA LEU C 209 11.02 18.80 26.30
C LEU C 209 11.95 20.01 26.30
N ASP C 210 12.31 20.45 27.51
CA ASP C 210 13.37 21.46 27.70
C ASP C 210 14.71 20.77 27.89
N LYS C 211 15.77 21.57 28.02
CA LYS C 211 17.12 21.03 28.16
C LYS C 211 17.28 20.19 29.42
N ASP C 212 16.54 20.53 30.47
CA ASP C 212 16.68 19.84 31.74
C ASP C 212 15.38 19.58 32.48
N LYS C 213 14.26 19.70 31.77
CA LYS C 213 12.97 19.38 32.31
C LYS C 213 12.02 19.02 31.15
N ALA C 214 10.97 18.29 31.48
CA ALA C 214 9.95 17.87 30.52
C ALA C 214 8.59 18.17 31.10
N HIS C 215 7.70 18.69 30.28
CA HIS C 215 6.33 18.90 30.68
C HIS C 215 5.42 17.96 29.91
N PHE C 216 4.32 17.56 30.54
CA PHE C 216 3.33 16.61 29.95
C PHE C 216 1.94 17.16 30.18
N VAL C 217 1.03 16.91 29.24
CA VAL C 217 -0.33 17.35 29.39
C VAL C 217 -1.21 16.13 29.61
N SER C 218 -2.36 16.34 30.23
CA SER C 218 -3.22 15.23 30.63
C SER C 218 -4.48 15.17 29.79
N TYR C 219 -5.18 14.04 29.86
CA TYR C 219 -6.50 13.87 29.18
C TYR C 219 -7.50 14.97 29.53
N TYR C 220 -7.38 15.52 30.73
CA TYR C 220 -8.33 16.53 31.23
C TYR C 220 -7.81 17.96 31.22
N GLY C 221 -6.67 18.18 30.59
CA GLY C 221 -6.16 19.51 30.39
C GLY C 221 -5.24 20.01 31.48
N ASN C 222 -4.72 19.12 32.33
CA ASN C 222 -3.70 19.50 33.31
C ASN C 222 -2.30 19.31 32.80
N VAL C 223 -1.35 19.96 33.46
CA VAL C 223 0.07 19.93 33.10
C VAL C 223 0.92 19.41 34.25
N TYR C 224 1.80 18.45 33.93
CA TYR C 224 2.76 17.88 34.87
C TYR C 224 4.18 18.13 34.40
N SER C 225 5.12 18.16 35.33
CA SER C 225 6.49 18.37 34.95
C SER C 225 7.43 17.42 35.65
N ALA C 226 8.51 17.06 34.94
CA ALA C 226 9.63 16.35 35.51
C ALA C 226 10.91 17.14 35.27
N ASP C 227 11.57 17.48 36.37
CA ASP C 227 12.83 18.20 36.33
C ASP C 227 13.99 17.28 36.60
N PHE C 228 14.94 17.23 35.67
CA PHE C 228 16.11 16.36 35.76
C PHE C 228 17.43 17.12 35.70
N SER C 229 17.40 18.37 36.18
CA SER C 229 18.61 19.18 36.30
C SER C 229 19.51 18.57 37.37
N GLY C 230 18.86 18.14 38.44
CA GLY C 230 19.55 17.54 39.53
C GLY C 230 19.76 16.06 39.39
N ASP C 231 20.16 15.45 40.49
CA ASP C 231 20.62 14.08 40.50
C ASP C 231 19.46 13.11 40.42
N GLU C 232 18.35 13.46 41.04
CA GLU C 232 17.12 12.69 40.95
C GLU C 232 16.06 13.55 40.29
N VAL C 233 15.14 12.88 39.62
CA VAL C 233 14.05 13.55 38.95
C VAL C 233 13.05 14.07 39.97
N LYS C 234 12.83 15.38 39.99
CA LYS C 234 11.77 15.99 40.80
C LYS C 234 10.50 16.22 39.95
N VAL C 235 9.35 15.78 40.46
CA VAL C 235 8.05 15.84 39.73
C VAL C 235 7.03 16.79 40.36
N ASP C 236 6.22 17.42 39.51
CA ASP C 236 5.26 18.44 39.93
C ASP C 236 4.00 18.43 39.07
N GLY C 237 2.96 19.04 39.61
CA GLY C 237 1.67 19.16 38.96
C GLY C 237 0.54 18.51 39.75
N PRO C 238 -0.69 18.74 39.31
CA PRO C 238 -1.07 19.45 38.11
C PRO C 238 -1.22 20.97 38.21
N TRP C 239 -1.03 21.63 37.09
CA TRP C 239 -1.65 22.93 36.87
C TRP C 239 -2.49 22.83 35.61
N SER C 240 -3.54 23.63 35.55
CA SER C 240 -4.54 23.51 34.49
C SER C 240 -4.18 24.44 33.35
N LEU C 241 -4.34 23.95 32.12
CA LEU C 241 -4.26 24.80 30.93
C LEU C 241 -5.52 25.64 30.76
N LEU C 242 -6.55 25.36 31.57
CA LEU C 242 -7.87 25.88 31.31
C LEU C 242 -8.22 27.00 32.26
N ASN C 243 -8.77 28.07 31.70
CA ASN C 243 -9.45 29.10 32.53
C ASN C 243 -10.91 28.70 32.72
N ASP C 244 -11.71 29.54 33.40
CA ASP C 244 -13.11 29.19 33.66
C ASP C 244 -13.96 29.04 32.39
N GLU C 245 -13.75 29.93 31.43
CA GLU C 245 -14.50 29.86 30.18
C GLU C 245 -14.14 28.60 29.43
N ASP C 246 -12.85 28.27 29.43
CA ASP C 246 -12.35 27.06 28.75
C ASP C 246 -13.01 25.83 29.37
N LYS C 247 -13.00 25.76 30.70
CA LYS C 247 -13.61 24.64 31.39
C LYS C 247 -15.08 24.47 31.04
N ALA C 248 -15.84 25.57 31.01
CA ALA C 248 -17.28 25.48 30.73
C ALA C 248 -17.60 24.96 29.32
N LYS C 249 -16.66 25.16 28.39
CA LYS C 249 -16.79 24.66 27.02
C LYS C 249 -16.08 23.31 26.83
N ASN C 250 -15.54 22.77 27.92
CA ASN C 250 -14.93 21.41 27.95
C ASN C 250 -13.76 21.21 26.99
N TRP C 251 -12.96 22.25 26.88
CA TRP C 251 -11.73 22.20 26.13
C TRP C 251 -10.77 21.20 26.76
N VAL C 252 -10.24 20.30 25.94
CA VAL C 252 -9.20 19.37 26.38
C VAL C 252 -8.15 19.17 25.28
N PRO C 253 -6.97 18.64 25.63
CA PRO C 253 -6.00 18.34 24.59
C PRO C 253 -6.38 17.13 23.77
N GLY C 254 -5.78 17.04 22.61
CA GLY C 254 -6.04 15.89 21.71
C GLY C 254 -5.01 15.82 20.61
N GLY C 255 -4.65 14.58 20.26
CA GLY C 255 -3.68 14.31 19.22
C GLY C 255 -2.72 13.19 19.59
N TYR C 256 -1.60 13.17 18.89
CA TYR C 256 -0.62 12.12 19.03
C TYR C 256 0.68 12.72 19.51
N ASN C 257 1.54 13.18 18.60
CA ASN C 257 2.68 13.99 19.01
C ASN C 257 2.18 15.43 19.19
N LEU C 258 1.43 15.64 20.26
CA LEU C 258 0.52 16.79 20.37
C LEU C 258 1.08 18.04 21.07
N VAL C 259 2.30 17.99 21.58
CA VAL C 259 2.93 19.14 22.25
C VAL C 259 4.32 19.46 21.76
N GLY C 260 4.75 20.67 22.11
CA GLY C 260 6.08 21.10 21.80
C GLY C 260 6.41 22.24 22.74
N LEU C 261 7.72 22.48 22.86
CA LEU C 261 8.28 23.56 23.68
C LEU C 261 9.30 24.35 22.86
N HIS C 262 9.11 25.68 22.86
CA HIS C 262 10.12 26.62 22.39
C HIS C 262 11.00 26.97 23.60
N ARG C 263 12.21 26.47 23.63
CA ARG C 263 13.02 26.49 24.87
C ARG C 263 13.43 27.89 25.33
N ALA C 264 13.77 28.74 24.37
CA ALA C 264 14.20 30.10 24.68
C ALA C 264 13.13 30.87 25.47
N SER C 265 11.88 30.70 25.09
CA SER C 265 10.78 31.47 25.65
C SER C 265 9.98 30.71 26.69
N GLY C 266 10.18 29.40 26.75
CA GLY C 266 9.36 28.56 27.62
C GLY C 266 7.91 28.44 27.21
N ARG C 267 7.60 28.79 25.95
CA ARG C 267 6.26 28.63 25.40
C ARG C 267 6.01 27.16 25.09
N MET C 268 4.88 26.66 25.55
CA MET C 268 4.45 25.31 25.23
C MET C 268 3.25 25.31 24.30
N TYR C 269 3.35 24.47 23.28
CA TYR C 269 2.33 24.40 22.23
C TYR C 269 1.55 23.11 22.41
N VAL C 270 0.23 23.21 22.38
CA VAL C 270 -0.70 22.09 22.57
C VAL C 270 -1.92 22.16 21.66
N PHE C 271 -2.22 21.02 21.04
CA PHE C 271 -3.48 20.81 20.31
C PHE C 271 -4.66 20.58 21.24
N MET C 272 -5.71 21.36 21.00
CA MET C 272 -6.87 21.45 21.86
C MET C 272 -8.16 21.32 21.05
N HIS C 273 -9.20 20.76 21.66
CA HIS C 273 -10.54 20.74 21.06
C HIS C 273 -11.61 20.90 22.14
N PRO C 274 -12.78 21.48 21.76
CA PRO C 274 -13.87 21.67 22.70
C PRO C 274 -14.71 20.40 22.84
N ASP C 275 -15.65 20.44 23.79
CA ASP C 275 -16.60 19.37 23.95
C ASP C 275 -15.90 18.04 24.26
N GLY C 276 -14.86 18.14 25.07
CA GLY C 276 -14.08 16.98 25.45
C GLY C 276 -14.89 16.10 26.38
N LYS C 277 -14.66 14.80 26.25
CA LYS C 277 -15.28 13.79 27.08
C LYS C 277 -14.47 12.52 26.87
N GLU C 278 -14.83 11.44 27.57
CA GLU C 278 -14.19 10.15 27.37
C GLU C 278 -14.21 9.74 25.91
N GLY C 279 -13.03 9.42 25.39
CA GLY C 279 -12.88 8.96 24.02
C GLY C 279 -12.44 10.00 23.01
N THR C 280 -12.22 11.26 23.43
CA THR C 280 -11.84 12.33 22.49
C THR C 280 -10.35 12.72 22.49
N HIS C 281 -9.53 11.93 23.18
CA HIS C 281 -8.12 12.28 23.33
C HIS C 281 -7.23 12.23 22.06
N LYS C 282 -7.75 11.63 21.01
CA LYS C 282 -7.02 11.58 19.76
C LYS C 282 -7.72 12.41 18.66
N PHE C 283 -8.68 13.25 19.04
CA PHE C 283 -9.34 14.16 18.10
C PHE C 283 -8.38 15.19 17.52
N PRO C 284 -8.61 15.57 16.26
CA PRO C 284 -7.86 16.66 15.63
C PRO C 284 -7.99 18.00 16.40
N ALA C 285 -6.97 18.84 16.28
CA ALA C 285 -6.93 20.16 16.91
C ALA C 285 -8.00 21.09 16.30
N ALA C 286 -8.95 21.56 17.12
CA ALA C 286 -9.73 22.75 16.76
C ALA C 286 -8.85 23.99 16.86
N GLU C 287 -7.97 24.01 17.86
CA GLU C 287 -7.02 25.11 18.06
C GLU C 287 -5.66 24.64 18.52
N ILE C 288 -4.64 25.46 18.30
CA ILE C 288 -3.37 25.31 18.95
C ILE C 288 -3.37 26.35 20.07
N TRP C 289 -3.02 25.94 21.29
CA TRP C 289 -2.90 26.89 22.39
C TRP C 289 -1.41 27.06 22.69
N VAL C 290 -1.02 28.29 23.04
CA VAL C 290 0.36 28.59 23.30
C VAL C 290 0.37 29.03 24.75
N MET C 291 1.08 28.28 25.59
CA MET C 291 1.14 28.53 27.03
C MET C 291 2.50 29.03 27.41
N ASP C 292 2.54 30.01 28.31
CA ASP C 292 3.77 30.41 28.95
C ASP C 292 3.95 29.53 30.19
N THR C 293 4.97 28.67 30.17
CA THR C 293 5.10 27.64 31.21
C THR C 293 5.56 28.22 32.54
N LYS C 294 6.06 29.45 32.52
CA LYS C 294 6.46 30.12 33.76
C LYS C 294 5.26 30.77 34.44
N THR C 295 4.47 31.56 33.70
CA THR C 295 3.29 32.22 34.25
C THR C 295 2.07 31.30 34.30
N LYS C 296 2.17 30.19 33.60
CA LYS C 296 1.09 29.21 33.55
C LYS C 296 -0.18 29.84 32.99
N GLN C 297 0.02 30.78 32.07
CA GLN C 297 -1.06 31.46 31.37
C GLN C 297 -0.96 31.17 29.88
N ARG C 298 -2.11 31.08 29.23
CA ARG C 298 -2.18 30.96 27.77
C ARG C 298 -1.84 32.33 27.22
N VAL C 299 -1.03 32.36 26.17
CA VAL C 299 -0.66 33.61 25.53
C VAL C 299 -1.14 33.76 24.09
N ALA C 300 -1.63 32.66 23.49
CA ALA C 300 -2.22 32.71 22.17
C ALA C 300 -3.12 31.50 21.98
N ARG C 301 -4.06 31.65 21.05
CA ARG C 301 -4.85 30.54 20.56
C ARG C 301 -5.15 30.80 19.10
N ILE C 302 -4.82 29.83 18.24
CA ILE C 302 -5.00 29.99 16.79
C ILE C 302 -5.68 28.76 16.22
N PRO C 303 -6.30 28.89 15.04
CA PRO C 303 -6.94 27.74 14.39
C PRO C 303 -6.00 26.53 14.28
N GLY C 304 -6.58 25.35 14.47
CA GLY C 304 -5.81 24.11 14.57
C GLY C 304 -5.57 23.43 13.26
N ARG C 305 -6.37 23.75 12.26
CA ARG C 305 -6.25 23.13 10.94
C ARG C 305 -6.29 21.60 11.01
N ASP C 306 -7.09 21.07 11.93
CA ASP C 306 -7.27 19.63 12.15
C ASP C 306 -5.95 18.86 12.37
N ALA C 307 -4.96 19.56 12.90
CA ALA C 307 -3.66 18.95 13.14
C ALA C 307 -3.70 17.91 14.28
N LEU C 308 -2.81 16.94 14.17
CA LEU C 308 -2.70 15.83 15.11
C LEU C 308 -1.35 15.73 15.76
N SER C 309 -0.31 16.05 15.00
CA SER C 309 1.07 16.01 15.48
C SER C 309 1.86 17.25 15.10
N MET C 310 2.92 17.50 15.86
CA MET C 310 3.75 18.68 15.64
C MET C 310 5.19 18.38 15.97
N THR C 311 6.06 19.34 15.64
CA THR C 311 7.45 19.34 16.09
C THR C 311 7.94 20.79 16.05
N ILE C 312 9.00 21.08 16.81
CA ILE C 312 9.54 22.44 16.89
C ILE C 312 10.99 22.44 16.44
N ASP C 313 11.39 23.49 15.72
CA ASP C 313 12.79 23.78 15.53
C ASP C 313 13.17 25.01 16.37
N GLN C 314 14.13 24.85 17.26
CA GLN C 314 14.50 25.91 18.22
C GLN C 314 15.19 27.11 17.54
N GLN C 315 16.24 26.83 16.78
CA GLN C 315 17.07 27.87 16.14
C GLN C 315 16.31 28.76 15.18
N ARG C 316 15.45 28.17 14.35
CA ARG C 316 14.71 28.95 13.38
C ARG C 316 13.39 29.47 13.92
N ASN C 317 13.05 29.13 15.17
CA ASN C 317 11.76 29.50 15.78
C ASN C 317 10.57 29.08 14.91
N LEU C 318 10.51 27.77 14.64
CA LEU C 318 9.48 27.20 13.76
C LEU C 318 8.74 26.05 14.46
N MET C 319 7.47 25.92 14.12
CA MET C 319 6.63 24.77 14.48
C MET C 319 6.07 24.19 13.19
N LEU C 320 6.13 22.87 13.02
CA LEU C 320 5.36 22.17 12.00
C LEU C 320 4.19 21.46 12.64
N THR C 321 3.05 21.46 11.95
CA THR C 321 1.89 20.68 12.34
C THR C 321 1.50 19.81 11.17
N LEU C 322 0.80 18.72 11.48
CA LEU C 322 0.57 17.65 10.53
C LEU C 322 -0.81 17.04 10.83
N ASP C 323 -1.68 17.03 9.82
CA ASP C 323 -3.04 16.54 9.97
C ASP C 323 -3.25 15.09 9.49
N GLY C 324 -2.15 14.42 9.15
CA GLY C 324 -2.19 13.10 8.58
C GLY C 324 -1.68 13.13 7.16
N GLY C 325 -1.98 14.21 6.44
CA GLY C 325 -1.61 14.33 5.01
C GLY C 325 -0.85 15.60 4.63
N ASN C 326 -1.16 16.69 5.34
CA ASN C 326 -0.61 18.01 5.03
C ASN C 326 0.21 18.52 6.21
N VAL C 327 1.30 19.23 5.89
CA VAL C 327 2.22 19.85 6.84
C VAL C 327 2.12 21.37 6.79
N ASN C 328 1.86 21.98 7.95
CA ASN C 328 1.81 23.43 8.08
C ASN C 328 3.09 23.94 8.73
N VAL C 329 3.64 25.05 8.22
CA VAL C 329 4.86 25.64 8.78
C VAL C 329 4.51 26.96 9.45
N TYR C 330 4.86 27.08 10.72
CA TYR C 330 4.54 28.26 11.50
C TYR C 330 5.82 28.91 11.97
N ASP C 331 5.81 30.24 11.94
CA ASP C 331 6.83 31.05 12.59
C ASP C 331 6.37 31.25 14.03
N ILE C 332 7.19 30.85 15.00
CA ILE C 332 6.83 30.97 16.42
C ILE C 332 7.81 31.86 17.23
N SER C 333 8.46 32.80 16.55
CA SER C 333 9.34 33.78 17.18
C SER C 333 8.57 34.77 18.11
N GLN C 334 7.30 35.01 17.83
CA GLN C 334 6.45 35.79 18.72
C GLN C 334 5.35 34.91 19.34
N PRO C 335 4.77 35.34 20.49
CA PRO C 335 3.73 34.54 21.16
C PRO C 335 2.62 34.00 20.27
N GLU C 336 2.05 34.85 19.41
CA GLU C 336 1.11 34.40 18.39
C GLU C 336 1.89 33.77 17.22
N PRO C 337 1.64 32.49 16.91
CA PRO C 337 2.27 31.93 15.70
C PRO C 337 1.70 32.50 14.41
N LYS C 338 2.54 32.54 13.38
CA LYS C 338 2.12 32.99 12.06
C LYS C 338 2.34 31.84 11.09
N LEU C 339 1.27 31.48 10.39
CA LEU C 339 1.29 30.45 9.36
C LEU C 339 2.01 30.93 8.12
N LEU C 340 3.03 30.19 7.71
CA LEU C 340 3.86 30.58 6.59
C LEU C 340 3.43 29.88 5.32
N ARG C 341 3.08 28.59 5.47
CA ARG C 341 2.66 27.82 4.33
C ARG C 341 2.15 26.46 4.72
N THR C 342 1.51 25.82 3.77
CA THR C 342 1.04 24.46 3.94
C THR C 342 1.59 23.65 2.76
N ILE C 343 2.14 22.49 3.09
CA ILE C 343 2.59 21.50 2.11
C ILE C 343 1.49 20.43 2.00
N GLU C 344 0.70 20.49 0.94
CA GLU C 344 -0.40 19.56 0.70
C GLU C 344 0.09 18.21 0.17
N GLY C 345 -0.53 17.12 0.64
CA GLY C 345 -0.17 15.77 0.19
C GLY C 345 1.26 15.32 0.46
N ALA C 346 1.81 15.72 1.60
CA ALA C 346 3.10 15.27 2.08
C ALA C 346 3.07 13.79 2.48
N ALA C 347 1.87 13.25 2.74
CA ALA C 347 1.71 11.83 3.13
C ALA C 347 0.27 11.40 2.96
N GLU C 348 0.00 10.11 3.08
CA GLU C 348 -1.34 9.58 3.13
C GLU C 348 -1.79 9.37 4.57
N ALA C 349 -0.90 8.93 5.43
CA ALA C 349 -1.24 8.63 6.85
C ALA C 349 0.00 8.80 7.71
N SER C 350 0.43 10.06 7.90
CA SER C 350 1.56 10.34 8.76
C SER C 350 1.14 10.96 10.05
N LEU C 351 1.67 10.44 11.16
CA LEU C 351 1.48 11.08 12.48
C LEU C 351 2.79 11.61 13.04
N GLN C 352 3.83 11.71 12.21
CA GLN C 352 5.09 12.24 12.68
C GLN C 352 5.88 12.98 11.61
N VAL C 353 6.27 14.20 11.96
CA VAL C 353 7.20 14.99 11.17
C VAL C 353 8.36 15.45 12.07
N GLN C 354 9.56 15.50 11.49
CA GLN C 354 10.77 15.87 12.19
C GLN C 354 11.67 16.75 11.31
N PHE C 355 12.31 17.73 11.93
CA PHE C 355 13.32 18.55 11.28
C PHE C 355 14.66 17.81 11.23
N HIS C 356 15.44 18.11 10.20
CA HIS C 356 16.83 17.76 10.17
C HIS C 356 17.58 18.56 11.25
N PRO C 357 18.45 17.91 12.06
CA PRO C 357 19.18 18.68 13.09
C PRO C 357 20.14 19.70 12.50
N VAL C 358 20.22 20.88 13.10
CA VAL C 358 21.12 21.93 12.62
C VAL C 358 22.06 22.36 13.76
N ARG D 1 -16.84 -15.53 27.46
CA ARG D 1 -18.18 -15.72 26.83
C ARG D 1 -18.01 -16.15 25.38
N GLU D 2 -17.19 -15.43 24.64
CA GLU D 2 -16.91 -15.73 23.23
C GLU D 2 -15.43 -15.93 23.05
N VAL D 3 -15.06 -16.71 22.04
CA VAL D 3 -13.68 -16.94 21.66
C VAL D 3 -13.55 -16.69 20.16
N LEU D 4 -12.51 -15.96 19.75
CA LEU D 4 -12.25 -15.75 18.31
C LEU D 4 -11.69 -17.03 17.71
N THR D 5 -12.21 -17.45 16.56
CA THR D 5 -11.65 -18.60 15.86
C THR D 5 -11.24 -18.23 14.42
N GLY D 6 -10.24 -18.93 13.90
CA GLY D 6 -9.86 -18.91 12.48
C GLY D 6 -10.10 -20.30 11.91
N GLY D 7 -9.45 -20.62 10.80
CA GLY D 7 -9.62 -21.91 10.14
C GLY D 7 -10.87 -22.00 9.27
N HIS D 8 -11.56 -20.89 9.03
CA HIS D 8 -12.87 -20.91 8.39
C HIS D 8 -12.75 -20.85 6.88
N SER D 9 -13.81 -21.30 6.20
CA SER D 9 -13.86 -21.26 4.77
C SER D 9 -14.69 -20.07 4.29
N VAL D 10 -14.53 -19.78 3.01
CA VAL D 10 -15.28 -18.73 2.36
C VAL D 10 -16.77 -19.01 2.56
N SER D 11 -17.50 -17.98 2.93
CA SER D 11 -18.90 -18.13 3.38
C SER D 11 -19.87 -18.45 2.25
N ALA D 12 -19.59 -17.94 1.04
CA ALA D 12 -20.47 -18.12 -0.10
C ALA D 12 -20.00 -19.26 -0.99
N PRO D 13 -20.95 -19.95 -1.67
CA PRO D 13 -20.61 -21.06 -2.57
C PRO D 13 -19.67 -20.63 -3.71
N GLN D 14 -18.85 -21.56 -4.23
CA GLN D 14 -17.92 -21.22 -5.34
C GLN D 14 -18.58 -20.56 -6.54
N GLU D 15 -19.81 -20.97 -6.82
CA GLU D 15 -20.55 -20.42 -7.95
C GLU D 15 -20.85 -18.95 -7.84
N ASN D 16 -20.72 -18.38 -6.63
CA ASN D 16 -20.98 -16.96 -6.41
C ASN D 16 -19.72 -16.06 -6.49
N ARG D 17 -18.53 -16.65 -6.66
CA ARG D 17 -17.29 -15.97 -6.35
C ARG D 17 -16.60 -15.38 -7.61
N ILE D 18 -16.12 -14.16 -7.43
CA ILE D 18 -15.27 -13.49 -8.42
C ILE D 18 -14.00 -13.02 -7.74
N TYR D 19 -12.97 -12.83 -8.57
CA TYR D 19 -11.63 -12.44 -8.13
C TYR D 19 -11.21 -11.15 -8.80
N VAL D 20 -11.03 -10.12 -7.99
CA VAL D 20 -10.61 -8.81 -8.47
C VAL D 20 -9.14 -8.65 -8.17
N MET D 21 -8.31 -8.57 -9.20
CA MET D 21 -6.86 -8.48 -9.02
C MET D 21 -6.49 -7.03 -8.83
N ASP D 22 -6.23 -6.63 -7.57
CA ASP D 22 -5.92 -5.22 -7.25
C ASP D 22 -4.43 -5.03 -7.28
N SER D 23 -3.96 -4.27 -8.28
CA SER D 23 -2.52 -3.99 -8.42
C SER D 23 -2.07 -3.08 -7.30
N VAL D 24 -2.95 -2.24 -6.78
CA VAL D 24 -2.54 -1.20 -5.83
C VAL D 24 -1.30 -0.50 -6.31
N PHE D 25 -1.36 0.02 -7.53
CA PHE D 25 -0.20 0.59 -8.20
C PHE D 25 0.50 1.68 -7.38
N MET D 26 -0.25 2.47 -6.62
CA MET D 26 0.36 3.54 -5.80
C MET D 26 1.26 2.94 -4.70
N HIS D 27 0.96 1.69 -4.34
CA HIS D 27 1.79 0.88 -3.42
C HIS D 27 1.88 -0.54 -3.91
N LEU D 28 2.54 -0.68 -5.06
CA LEU D 28 2.54 -1.88 -5.86
C LEU D 28 3.15 -3.08 -5.17
N THR D 29 3.90 -2.87 -4.08
CA THR D 29 4.45 -4.01 -3.35
C THR D 29 3.40 -4.65 -2.45
N GLU D 30 2.16 -4.13 -2.44
CA GLU D 30 1.08 -4.71 -1.62
C GLU D 30 -0.18 -4.96 -2.44
N SER D 31 0.05 -5.43 -3.66
CA SER D 31 -1.00 -5.92 -4.52
C SER D 31 -1.70 -7.09 -3.83
N ARG D 32 -2.93 -7.38 -4.27
CA ARG D 32 -3.72 -8.44 -3.67
C ARG D 32 -4.90 -8.81 -4.51
N VAL D 33 -5.44 -10.00 -4.24
CA VAL D 33 -6.67 -10.46 -4.87
C VAL D 33 -7.80 -10.27 -3.91
N HIS D 34 -8.85 -9.56 -4.32
CA HIS D 34 -10.06 -9.43 -3.50
C HIS D 34 -11.10 -10.41 -4.04
N VAL D 35 -11.71 -11.18 -3.13
CA VAL D 35 -12.70 -12.18 -3.51
C VAL D 35 -14.06 -11.62 -3.12
N TYR D 36 -14.98 -11.59 -4.08
CA TYR D 36 -16.31 -11.02 -3.92
C TYR D 36 -17.40 -12.00 -4.31
N ASP D 37 -18.58 -11.85 -3.69
CA ASP D 37 -19.78 -12.53 -4.12
C ASP D 37 -20.48 -11.63 -5.13
N TYR D 38 -20.53 -12.05 -6.40
CA TYR D 38 -21.04 -11.15 -7.45
C TYR D 38 -22.55 -10.97 -7.34
N THR D 39 -23.23 -11.81 -6.55
CA THR D 39 -24.70 -11.80 -6.43
C THR D 39 -25.20 -10.71 -5.53
N ASN D 40 -24.34 -10.25 -4.61
CA ASN D 40 -24.72 -9.27 -3.60
C ASN D 40 -23.65 -8.26 -3.24
N GLY D 41 -22.44 -8.38 -3.80
CA GLY D 41 -21.38 -7.43 -3.52
C GLY D 41 -20.56 -7.67 -2.24
N LYS D 42 -20.78 -8.81 -1.60
CA LYS D 42 -20.15 -9.09 -0.32
C LYS D 42 -18.69 -9.44 -0.51
N PHE D 43 -17.83 -8.75 0.27
CA PHE D 43 -16.41 -9.07 0.36
C PHE D 43 -16.26 -10.38 1.12
N LEU D 44 -15.61 -11.34 0.48
CA LEU D 44 -15.51 -12.68 1.04
C LEU D 44 -14.12 -13.00 1.61
N GLY D 45 -13.11 -12.24 1.19
CA GLY D 45 -11.74 -12.57 1.56
C GLY D 45 -10.74 -12.06 0.55
N MET D 46 -9.47 -12.35 0.80
CA MET D 46 -8.42 -11.84 -0.04
C MET D 46 -7.15 -12.69 0.06
N VAL D 47 -6.32 -12.55 -0.97
CA VAL D 47 -5.04 -13.24 -1.03
C VAL D 47 -3.96 -12.19 -1.31
N PRO D 48 -3.00 -12.06 -0.39
CA PRO D 48 -1.93 -11.13 -0.63
C PRO D 48 -0.98 -11.59 -1.72
N THR D 49 -0.57 -10.66 -2.59
CA THR D 49 0.29 -11.03 -3.74
C THR D 49 1.51 -10.15 -3.94
N ALA D 50 1.99 -9.50 -2.88
CA ALA D 50 3.27 -8.79 -2.93
C ALA D 50 3.39 -7.86 -4.14
N PHE D 51 4.54 -7.85 -4.83
CA PHE D 51 4.75 -6.86 -5.89
C PHE D 51 4.12 -7.33 -7.20
N ASN D 52 3.18 -6.54 -7.69
CA ASN D 52 2.53 -6.82 -8.97
C ASN D 52 2.14 -8.29 -9.10
N GLY D 53 1.25 -8.74 -8.22
CA GLY D 53 0.71 -10.08 -8.32
C GLY D 53 -0.14 -10.28 -9.58
N HIS D 54 -0.14 -11.52 -10.06
CA HIS D 54 -1.08 -12.00 -11.07
C HIS D 54 -1.82 -13.20 -10.48
N VAL D 55 -3.00 -13.46 -11.01
CA VAL D 55 -3.87 -14.47 -10.43
C VAL D 55 -4.67 -15.26 -11.47
N GLN D 56 -4.89 -16.53 -11.17
CA GLN D 56 -5.90 -17.28 -11.86
C GLN D 56 -6.43 -18.37 -10.92
N VAL D 57 -7.54 -18.97 -11.32
CA VAL D 57 -8.16 -20.06 -10.52
C VAL D 57 -7.94 -21.36 -11.29
N SER D 58 -7.59 -22.44 -10.58
CA SER D 58 -7.39 -23.73 -11.26
C SER D 58 -8.66 -24.11 -11.99
N ASN D 59 -8.47 -24.75 -13.15
CA ASN D 59 -9.59 -25.18 -13.98
C ASN D 59 -10.59 -26.03 -13.24
N ASP D 60 -10.10 -26.82 -12.29
CA ASP D 60 -10.96 -27.68 -11.47
C ASP D 60 -11.68 -26.94 -10.36
N GLY D 61 -11.32 -25.67 -10.16
CA GLY D 61 -11.96 -24.81 -9.16
C GLY D 61 -11.55 -25.04 -7.71
N LYS D 62 -10.54 -25.86 -7.48
CA LYS D 62 -10.13 -26.19 -6.12
C LYS D 62 -9.07 -25.25 -5.55
N LYS D 63 -8.26 -24.63 -6.43
CA LYS D 63 -7.05 -23.89 -6.01
C LYS D 63 -7.01 -22.52 -6.67
N ILE D 64 -6.37 -21.58 -6.01
CA ILE D 64 -6.04 -20.29 -6.61
C ILE D 64 -4.53 -20.30 -6.86
N TYR D 65 -4.16 -19.92 -8.08
CA TYR D 65 -2.77 -19.73 -8.45
C TYR D 65 -2.44 -18.24 -8.49
N THR D 66 -1.35 -17.87 -7.82
CA THR D 66 -0.79 -16.52 -7.94
C THR D 66 0.64 -16.57 -8.45
N MET D 67 1.07 -15.46 -9.02
CA MET D 67 2.46 -15.29 -9.47
C MET D 67 2.94 -13.96 -8.94
N THR D 68 4.12 -13.93 -8.32
CA THR D 68 4.61 -12.70 -7.76
C THR D 68 6.13 -12.68 -7.63
N THR D 69 6.64 -11.54 -7.16
CA THR D 69 8.02 -11.35 -6.94
C THR D 69 8.21 -10.89 -5.52
N TYR D 70 9.20 -11.51 -4.87
CA TYR D 70 9.74 -11.10 -3.57
C TYR D 70 11.24 -10.72 -3.67
N HIS D 71 11.71 -9.92 -2.72
CA HIS D 71 13.16 -9.79 -2.45
C HIS D 71 13.36 -9.92 -0.94
N GLU D 72 14.54 -10.37 -0.54
CA GLU D 72 14.87 -10.58 0.90
C GLU D 72 14.55 -9.36 1.78
N ARG D 73 14.82 -8.17 1.25
CA ARG D 73 14.54 -6.92 1.95
C ARG D 73 13.67 -5.98 1.09
N ILE D 74 12.80 -6.58 0.28
CA ILE D 74 11.84 -5.90 -0.60
C ILE D 74 12.47 -5.03 -1.69
N THR D 75 13.16 -3.97 -1.28
CA THR D 75 13.79 -3.02 -2.20
C THR D 75 15.27 -3.29 -2.37
N ARG D 76 15.76 -4.31 -1.67
CA ARG D 76 17.10 -4.84 -1.89
C ARG D 76 17.10 -6.33 -1.51
N GLY D 77 18.22 -6.98 -1.77
CA GLY D 77 18.36 -8.39 -1.42
C GLY D 77 17.98 -9.29 -2.58
N LYS D 78 18.15 -10.58 -2.37
CA LYS D 78 17.97 -11.56 -3.43
C LYS D 78 16.50 -11.63 -3.86
N ARG D 79 16.29 -11.74 -5.18
CA ARG D 79 14.97 -11.91 -5.81
C ARG D 79 14.47 -13.35 -5.84
N SER D 80 13.16 -13.53 -5.58
CA SER D 80 12.46 -14.81 -5.79
C SER D 80 11.15 -14.59 -6.55
N ASP D 81 11.12 -15.02 -7.81
CA ASP D 81 9.86 -15.07 -8.56
C ASP D 81 9.26 -16.41 -8.28
N VAL D 82 7.96 -16.44 -8.01
CA VAL D 82 7.26 -17.69 -7.67
C VAL D 82 5.86 -17.76 -8.25
N VAL D 83 5.38 -18.99 -8.43
CA VAL D 83 3.95 -19.28 -8.44
C VAL D 83 3.58 -19.83 -7.07
N GLU D 84 2.51 -19.30 -6.49
CA GLU D 84 1.94 -19.89 -5.27
C GLU D 84 0.62 -20.59 -5.53
N VAL D 85 0.44 -21.71 -4.83
CA VAL D 85 -0.79 -22.43 -4.81
C VAL D 85 -1.47 -22.21 -3.47
N TRP D 86 -2.70 -21.73 -3.52
CA TRP D 86 -3.53 -21.44 -2.36
C TRP D 86 -4.83 -22.26 -2.46
N ASP D 87 -5.36 -22.67 -1.32
CA ASP D 87 -6.67 -23.33 -1.30
C ASP D 87 -7.77 -22.31 -1.57
N ALA D 88 -8.63 -22.64 -2.51
CA ALA D 88 -9.72 -21.77 -2.91
C ALA D 88 -10.72 -21.48 -1.78
N ASP D 89 -11.00 -22.50 -0.96
CA ASP D 89 -12.03 -22.36 0.01
C ASP D 89 -11.53 -21.75 1.32
N LYS D 90 -10.34 -22.13 1.76
CA LYS D 90 -9.74 -21.61 2.99
C LYS D 90 -8.89 -20.35 2.76
N LEU D 91 -8.58 -20.03 1.50
CA LEU D 91 -7.69 -18.89 1.15
C LEU D 91 -6.42 -18.91 1.98
N THR D 92 -5.77 -20.08 1.99
CA THR D 92 -4.55 -20.30 2.70
C THR D 92 -3.47 -20.73 1.73
N PHE D 93 -2.24 -20.36 2.06
CA PHE D 93 -1.09 -20.72 1.28
C PHE D 93 -0.79 -22.20 1.46
N GLU D 94 -0.56 -22.88 0.34
CA GLU D 94 -0.16 -24.29 0.37
C GLU D 94 1.27 -24.54 -0.09
N LYS D 95 1.65 -24.04 -1.26
CA LYS D 95 2.94 -24.37 -1.87
C LYS D 95 3.51 -23.19 -2.67
N GLU D 96 4.83 -23.11 -2.72
CA GLU D 96 5.53 -22.20 -3.61
C GLU D 96 6.27 -23.00 -4.68
N ILE D 97 6.20 -22.54 -5.92
CA ILE D 97 6.92 -23.15 -7.02
C ILE D 97 7.90 -22.11 -7.54
N SER D 98 9.19 -22.42 -7.48
CA SER D 98 10.23 -21.47 -7.91
C SER D 98 10.26 -21.23 -9.40
N LEU D 99 10.47 -19.97 -9.77
CA LEU D 99 10.57 -19.60 -11.19
C LEU D 99 11.93 -18.97 -11.40
N PRO D 100 12.42 -18.99 -12.63
CA PRO D 100 13.59 -18.16 -12.92
C PRO D 100 13.17 -16.70 -12.74
N PRO D 101 14.10 -15.82 -12.35
CA PRO D 101 13.79 -14.43 -12.00
C PRO D 101 13.60 -13.51 -13.21
N LYS D 102 12.60 -13.85 -14.02
CA LYS D 102 12.27 -13.09 -15.20
C LYS D 102 10.77 -13.15 -15.53
N ARG D 103 9.92 -13.54 -14.57
CA ARG D 103 8.47 -13.52 -14.81
C ARG D 103 8.10 -12.07 -15.13
N VAL D 104 7.17 -11.89 -16.07
CA VAL D 104 6.71 -10.58 -16.49
C VAL D 104 6.17 -9.75 -15.32
N GLN D 105 6.64 -8.52 -15.26
CA GLN D 105 6.09 -7.57 -14.31
C GLN D 105 5.38 -6.55 -15.15
N GLY D 106 4.06 -6.51 -15.02
CA GLY D 106 3.23 -5.65 -15.85
C GLY D 106 1.77 -5.76 -15.51
N LEU D 107 0.98 -4.91 -16.14
CA LEU D 107 -0.47 -4.83 -15.89
C LEU D 107 -1.13 -6.16 -16.20
N ASN D 108 -2.25 -6.43 -15.53
CA ASN D 108 -2.89 -7.77 -15.48
C ASN D 108 -3.79 -8.20 -16.66
N TYR D 109 -3.18 -8.22 -17.84
CA TYR D 109 -3.77 -8.82 -18.99
C TYR D 109 -3.88 -10.32 -18.67
N ASP D 110 -5.02 -10.93 -18.97
CA ASP D 110 -5.23 -12.37 -18.79
C ASP D 110 -4.08 -13.19 -19.33
N GLY D 111 -3.58 -12.84 -20.51
CA GLY D 111 -2.72 -13.74 -21.28
C GLY D 111 -1.30 -13.81 -20.77
N LEU D 112 -0.99 -13.08 -19.70
CA LEU D 112 0.31 -13.21 -19.06
C LEU D 112 0.44 -14.38 -18.09
N PHE D 113 -0.69 -14.92 -17.64
CA PHE D 113 -0.71 -15.95 -16.61
C PHE D 113 -1.94 -16.81 -16.85
N ARG D 114 -1.71 -17.97 -17.50
CA ARG D 114 -2.78 -18.82 -17.99
C ARG D 114 -2.49 -20.28 -17.60
N GLN D 115 -3.36 -21.18 -18.07
CA GLN D 115 -3.13 -22.62 -17.96
C GLN D 115 -3.57 -23.34 -19.21
N THR D 116 -2.97 -24.50 -19.45
CA THR D 116 -3.51 -25.39 -20.48
C THR D 116 -4.94 -25.83 -20.19
N THR D 117 -5.67 -26.18 -21.24
CA THR D 117 -7.06 -26.52 -21.09
C THR D 117 -7.26 -27.70 -20.13
N ASP D 118 -6.32 -28.66 -20.14
CA ASP D 118 -6.40 -29.80 -19.24
C ASP D 118 -6.05 -29.49 -17.77
N GLY D 119 -5.56 -28.27 -17.51
CA GLY D 119 -5.26 -27.82 -16.14
C GLY D 119 -3.95 -28.36 -15.59
N LYS D 120 -3.18 -29.07 -16.42
CA LYS D 120 -1.98 -29.73 -15.95
C LYS D 120 -0.75 -28.86 -15.96
N PHE D 121 -0.76 -27.77 -16.74
CA PHE D 121 0.36 -26.87 -16.81
C PHE D 121 -0.13 -25.44 -16.66
N ILE D 122 0.65 -24.67 -15.92
CA ILE D 122 0.53 -23.22 -15.83
C ILE D 122 1.51 -22.68 -16.84
N VAL D 123 1.03 -21.72 -17.62
CA VAL D 123 1.77 -21.21 -18.76
C VAL D 123 1.84 -19.71 -18.57
N LEU D 124 3.06 -19.18 -18.43
CA LEU D 124 3.26 -17.76 -18.09
C LEU D 124 4.24 -17.05 -19.01
N GLN D 125 4.17 -15.72 -19.02
CA GLN D 125 5.07 -14.89 -19.81
C GLN D 125 6.30 -14.44 -19.02
N ASN D 126 7.48 -14.68 -19.61
CA ASN D 126 8.74 -14.14 -19.11
C ASN D 126 9.23 -12.98 -19.96
N ALA D 127 10.03 -12.12 -19.34
CA ALA D 127 10.73 -11.05 -20.05
C ALA D 127 11.99 -10.72 -19.25
N SER D 128 13.16 -10.85 -19.86
CA SER D 128 14.41 -10.58 -19.15
C SER D 128 15.32 -9.44 -19.65
N PRO D 129 14.92 -8.65 -20.68
CA PRO D 129 13.68 -8.42 -21.40
C PRO D 129 13.41 -9.29 -22.63
N ALA D 130 14.31 -10.19 -23.01
CA ALA D 130 14.00 -11.10 -24.11
C ALA D 130 12.82 -11.96 -23.64
N THR D 131 11.89 -12.23 -24.54
CA THR D 131 10.67 -12.93 -24.17
C THR D 131 10.79 -14.46 -24.38
N SER D 132 10.17 -15.18 -23.45
CA SER D 132 9.98 -16.61 -23.57
C SER D 132 8.76 -16.91 -22.75
N ILE D 133 8.19 -18.09 -22.98
CA ILE D 133 7.07 -18.57 -22.18
C ILE D 133 7.60 -19.63 -21.20
N GLY D 134 7.25 -19.49 -19.92
CA GLY D 134 7.59 -20.48 -18.93
C GLY D 134 6.45 -21.45 -18.69
N ILE D 135 6.79 -22.71 -18.42
CA ILE D 135 5.84 -23.80 -18.19
C ILE D 135 6.04 -24.40 -16.81
N VAL D 136 4.97 -24.43 -16.02
CA VAL D 136 4.96 -25.05 -14.70
C VAL D 136 4.06 -26.28 -14.71
N ASP D 137 4.64 -27.39 -14.27
CA ASP D 137 3.94 -28.64 -14.13
C ASP D 137 3.26 -28.67 -12.79
N VAL D 138 1.93 -28.68 -12.83
CA VAL D 138 1.11 -28.60 -11.64
C VAL D 138 1.29 -29.84 -10.74
N ALA D 139 1.25 -31.02 -11.35
CA ALA D 139 1.41 -32.27 -10.60
C ALA D 139 2.78 -32.33 -9.88
N LYS D 140 3.85 -31.96 -10.58
CA LYS D 140 5.19 -31.96 -10.00
C LYS D 140 5.43 -30.79 -9.05
N GLY D 141 4.74 -29.68 -9.31
CA GLY D 141 5.01 -28.45 -8.59
C GLY D 141 6.39 -27.92 -8.91
N ASP D 142 6.77 -28.01 -10.18
CA ASP D 142 8.06 -27.53 -10.67
C ASP D 142 7.95 -26.81 -12.03
N TYR D 143 8.84 -25.86 -12.22
CA TYR D 143 9.08 -25.23 -13.50
C TYR D 143 9.82 -26.24 -14.39
N VAL D 144 9.38 -26.41 -15.63
CA VAL D 144 9.84 -27.56 -16.44
C VAL D 144 10.28 -27.24 -17.85
N GLU D 145 10.24 -25.97 -18.26
CA GLU D 145 10.40 -25.63 -19.66
C GLU D 145 10.34 -24.14 -19.85
N ASP D 146 11.28 -23.62 -20.62
CA ASP D 146 11.34 -22.24 -21.10
C ASP D 146 11.12 -22.41 -22.60
N VAL D 147 10.09 -21.78 -23.14
CA VAL D 147 9.78 -21.89 -24.56
C VAL D 147 10.43 -20.69 -25.21
N THR D 148 11.69 -20.87 -25.57
CA THR D 148 12.46 -19.83 -26.19
C THR D 148 12.03 -19.60 -27.65
N ALA D 149 11.31 -20.56 -28.25
CA ALA D 149 10.77 -20.36 -29.58
C ALA D 149 9.88 -19.12 -29.64
N ALA D 150 9.30 -18.74 -28.48
CA ALA D 150 8.34 -17.62 -28.43
C ALA D 150 9.02 -16.24 -28.31
N ALA D 151 10.33 -16.21 -28.42
CA ALA D 151 11.05 -14.95 -28.47
C ALA D 151 10.48 -14.08 -29.59
N GLY D 152 10.24 -12.82 -29.26
CA GLY D 152 9.63 -11.87 -30.17
C GLY D 152 8.12 -11.92 -30.20
N CYS D 153 7.52 -12.75 -29.33
CA CYS D 153 6.09 -12.88 -29.22
C CYS D 153 5.62 -12.42 -27.85
N TRP D 154 4.31 -12.38 -27.66
CA TRP D 154 3.77 -11.89 -26.41
C TRP D 154 2.40 -12.47 -26.12
N SER D 155 2.26 -12.92 -24.89
CA SER D 155 0.99 -13.36 -24.29
C SER D 155 0.65 -14.78 -24.67
N VAL D 156 -0.24 -15.38 -23.87
CA VAL D 156 -0.59 -16.81 -23.97
C VAL D 156 -2.09 -16.94 -24.23
N ILE D 157 -2.44 -17.59 -25.34
CA ILE D 157 -3.84 -17.90 -25.63
C ILE D 157 -4.02 -19.42 -25.67
N PRO D 158 -4.61 -20.00 -24.61
CA PRO D 158 -4.81 -21.46 -24.63
C PRO D 158 -5.84 -21.85 -25.69
N GLN D 159 -5.70 -23.04 -26.26
CA GLN D 159 -6.67 -23.56 -27.21
C GLN D 159 -7.66 -24.44 -26.47
N PRO D 160 -8.92 -24.01 -26.37
CA PRO D 160 -9.88 -24.81 -25.58
C PRO D 160 -10.25 -26.20 -26.09
N ASN D 161 -9.86 -26.50 -27.31
CA ASN D 161 -10.18 -27.78 -27.96
C ASN D 161 -9.01 -28.75 -27.93
N ARG D 162 -7.93 -28.40 -27.24
CA ARG D 162 -6.76 -29.30 -27.09
C ARG D 162 -6.27 -29.27 -25.66
N PRO D 163 -5.77 -30.39 -25.15
CA PRO D 163 -5.40 -30.47 -23.74
C PRO D 163 -4.22 -29.60 -23.32
N ARG D 164 -3.21 -29.44 -24.18
CA ARG D 164 -1.98 -28.78 -23.75
C ARG D 164 -1.30 -28.03 -24.90
N SER D 165 -2.13 -27.22 -25.58
CA SER D 165 -1.72 -26.38 -26.68
C SER D 165 -2.10 -24.95 -26.41
N PHE D 166 -1.25 -24.04 -26.83
CA PHE D 166 -1.59 -22.63 -26.76
C PHE D 166 -0.90 -21.87 -27.85
N MET D 167 -1.35 -20.64 -28.05
CA MET D 167 -0.82 -19.78 -29.07
C MET D 167 -0.29 -18.50 -28.48
N THR D 168 0.54 -17.81 -29.25
CA THR D 168 1.05 -16.52 -28.84
C THR D 168 1.19 -15.58 -30.05
N ILE D 169 1.08 -14.27 -29.81
CA ILE D 169 1.10 -13.28 -30.86
C ILE D 169 2.51 -12.77 -31.05
N CYS D 170 3.00 -12.80 -32.30
CA CYS D 170 4.39 -12.48 -32.58
C CYS D 170 4.59 -11.19 -33.38
N GLY D 171 5.83 -10.71 -33.38
CA GLY D 171 6.21 -9.43 -33.97
C GLY D 171 6.13 -9.39 -35.49
N ASP D 172 5.96 -10.55 -36.12
CA ASP D 172 5.70 -10.65 -37.57
C ASP D 172 4.22 -10.52 -37.96
N GLY D 173 3.35 -10.32 -36.96
CA GLY D 173 1.93 -10.21 -37.20
C GLY D 173 1.22 -11.56 -37.35
N GLY D 174 1.91 -12.67 -37.11
CA GLY D 174 1.28 -13.98 -37.03
C GLY D 174 1.22 -14.58 -35.63
N LEU D 175 0.73 -15.81 -35.55
CA LEU D 175 0.63 -16.54 -34.28
C LEU D 175 1.54 -17.76 -34.30
N LEU D 176 2.23 -18.00 -33.20
CA LEU D 176 3.00 -19.22 -32.99
C LEU D 176 2.18 -20.13 -32.09
N THR D 177 2.00 -21.37 -32.52
CA THR D 177 1.29 -22.38 -31.76
C THR D 177 2.30 -23.33 -31.15
N ILE D 178 2.14 -23.58 -29.86
CA ILE D 178 2.96 -24.52 -29.12
C ILE D 178 2.13 -25.70 -28.60
N ASN D 179 2.58 -26.92 -28.92
CA ASN D 179 1.91 -28.13 -28.45
C ASN D 179 2.87 -28.81 -27.49
N LEU D 180 2.49 -28.85 -26.20
CA LEU D 180 3.32 -29.47 -25.21
C LEU D 180 3.15 -31.00 -25.20
N GLY D 181 4.21 -31.71 -24.80
CA GLY D 181 4.14 -33.11 -24.49
C GLY D 181 3.65 -33.30 -23.09
N GLU D 182 3.45 -34.57 -22.70
CA GLU D 182 2.92 -34.84 -21.36
C GLU D 182 3.88 -34.44 -20.24
N ASP D 183 5.16 -34.25 -20.61
CA ASP D 183 6.21 -33.78 -19.69
C ASP D 183 6.34 -32.25 -19.63
N GLY D 184 5.50 -31.55 -20.38
CA GLY D 184 5.49 -30.10 -20.40
C GLY D 184 6.56 -29.47 -21.24
N LYS D 185 7.25 -30.27 -22.06
CA LYS D 185 8.21 -29.73 -22.98
C LYS D 185 7.54 -29.59 -24.35
N VAL D 186 8.15 -28.81 -25.23
CA VAL D 186 7.58 -28.57 -26.53
C VAL D 186 7.66 -29.85 -27.34
N ALA D 187 6.51 -30.36 -27.74
CA ALA D 187 6.43 -31.57 -28.59
C ALA D 187 6.42 -31.18 -30.07
N SER D 188 5.74 -30.08 -30.38
CA SER D 188 5.70 -29.52 -31.72
C SER D 188 5.28 -28.06 -31.70
N GLN D 189 5.51 -27.37 -32.81
CA GLN D 189 5.07 -26.00 -32.93
C GLN D 189 4.78 -25.67 -34.37
N SER D 190 3.99 -24.63 -34.59
CA SER D 190 3.78 -24.12 -35.94
C SER D 190 3.56 -22.62 -35.92
N ARG D 191 3.76 -22.01 -37.07
CA ARG D 191 3.61 -20.57 -37.19
C ARG D 191 2.60 -20.27 -38.29
N SER D 192 1.60 -19.44 -37.98
CA SER D 192 0.57 -19.09 -38.94
C SER D 192 1.14 -18.20 -40.01
N LYS D 193 0.34 -17.99 -41.04
CA LYS D 193 0.60 -16.93 -41.96
C LYS D 193 0.37 -15.60 -41.24
N GLN D 194 0.82 -14.52 -41.83
CA GLN D 194 0.56 -13.19 -41.26
C GLN D 194 -0.94 -12.90 -41.13
N MET D 195 -1.39 -12.59 -39.92
CA MET D 195 -2.78 -12.25 -39.66
C MET D 195 -3.05 -10.76 -39.83
N PHE D 196 -2.21 -9.94 -39.25
CA PHE D 196 -2.39 -8.48 -39.28
C PHE D 196 -1.07 -7.73 -39.54
N SER D 197 -1.19 -6.49 -40.00
CA SER D 197 -0.02 -5.63 -40.19
C SER D 197 0.31 -4.99 -38.87
N VAL D 198 1.47 -5.31 -38.33
CA VAL D 198 1.90 -4.72 -37.07
C VAL D 198 1.93 -3.20 -37.18
N LYS D 199 2.50 -2.67 -38.26
CA LYS D 199 2.57 -1.23 -38.46
C LYS D 199 1.23 -0.57 -38.73
N ASP D 200 0.42 -1.15 -39.62
CA ASP D 200 -0.77 -0.46 -40.10
C ASP D 200 -2.07 -0.75 -39.37
N ASP D 201 -2.14 -1.86 -38.64
CA ASP D 201 -3.40 -2.21 -37.97
C ASP D 201 -3.12 -3.10 -36.75
N PRO D 202 -2.35 -2.59 -35.78
CA PRO D 202 -2.00 -3.42 -34.62
C PRO D 202 -3.24 -3.89 -33.85
N ILE D 203 -3.24 -5.16 -33.43
CA ILE D 203 -4.31 -5.66 -32.62
C ILE D 203 -4.00 -5.52 -31.12
N PHE D 204 -5.07 -5.38 -30.35
CA PHE D 204 -5.07 -5.63 -28.92
C PHE D 204 -4.78 -7.11 -28.69
N ILE D 205 -4.01 -7.41 -27.67
CA ILE D 205 -3.64 -8.79 -27.39
C ILE D 205 -4.79 -9.62 -26.81
N ALA D 206 -5.80 -8.98 -26.24
CA ALA D 206 -6.89 -9.69 -25.57
C ALA D 206 -7.77 -10.50 -26.54
N PRO D 207 -7.77 -11.84 -26.40
CA PRO D 207 -8.60 -12.57 -27.35
C PRO D 207 -10.06 -12.60 -26.95
N ALA D 208 -10.92 -12.69 -27.96
CA ALA D 208 -12.30 -13.13 -27.77
C ALA D 208 -12.27 -14.59 -28.16
N LEU D 209 -12.28 -15.47 -27.17
CA LEU D 209 -11.89 -16.86 -27.39
C LEU D 209 -13.05 -17.82 -27.43
N ASP D 210 -13.16 -18.58 -28.54
CA ASP D 210 -14.19 -19.60 -28.70
C ASP D 210 -13.47 -20.93 -28.53
N LYS D 211 -14.23 -22.01 -28.66
CA LYS D 211 -13.68 -23.35 -28.52
C LYS D 211 -12.54 -23.64 -29.51
N ASP D 212 -12.68 -23.18 -30.76
CA ASP D 212 -11.77 -23.59 -31.83
C ASP D 212 -11.27 -22.40 -32.64
N LYS D 213 -11.56 -21.20 -32.17
CA LYS D 213 -11.10 -20.00 -32.86
C LYS D 213 -11.04 -18.83 -31.90
N ALA D 214 -10.27 -17.82 -32.26
CA ALA D 214 -10.07 -16.63 -31.43
C ALA D 214 -10.19 -15.41 -32.32
N HIS D 215 -10.89 -14.40 -31.82
CA HIS D 215 -11.00 -13.13 -32.55
C HIS D 215 -10.26 -12.04 -31.78
N PHE D 216 -9.74 -11.08 -32.53
CA PHE D 216 -8.98 -9.97 -31.97
C PHE D 216 -9.43 -8.67 -32.60
N VAL D 217 -9.52 -7.61 -31.81
CA VAL D 217 -9.83 -6.29 -32.38
C VAL D 217 -8.57 -5.44 -32.51
N SER D 218 -8.61 -4.46 -33.44
CA SER D 218 -7.43 -3.64 -33.73
C SER D 218 -7.63 -2.21 -33.25
N TYR D 219 -6.53 -1.48 -33.21
CA TYR D 219 -6.55 -0.08 -32.81
C TYR D 219 -7.55 0.76 -33.60
N TYR D 220 -7.86 0.32 -34.82
CA TYR D 220 -8.69 1.09 -35.75
C TYR D 220 -10.06 0.47 -35.94
N GLY D 221 -10.40 -0.51 -35.10
CA GLY D 221 -11.76 -1.03 -35.04
C GLY D 221 -12.01 -2.16 -36.03
N ASN D 222 -10.93 -2.81 -36.44
CA ASN D 222 -11.05 -4.01 -37.30
C ASN D 222 -10.97 -5.26 -36.45
N VAL D 223 -11.46 -6.36 -37.01
CA VAL D 223 -11.49 -7.66 -36.36
C VAL D 223 -10.74 -8.72 -37.18
N TYR D 224 -9.82 -9.42 -36.51
CA TYR D 224 -9.00 -10.47 -37.12
C TYR D 224 -9.34 -11.78 -36.45
N SER D 225 -9.22 -12.90 -37.15
CA SER D 225 -9.55 -14.18 -36.53
C SER D 225 -8.50 -15.23 -36.80
N ALA D 226 -8.44 -16.18 -35.87
CA ALA D 226 -7.47 -17.27 -35.92
C ALA D 226 -8.24 -18.55 -35.66
N ASP D 227 -8.28 -19.44 -36.65
CA ASP D 227 -9.04 -20.66 -36.53
C ASP D 227 -8.07 -21.82 -36.25
N PHE D 228 -8.27 -22.49 -35.11
CA PHE D 228 -7.42 -23.62 -34.70
C PHE D 228 -8.24 -24.93 -34.56
N SER D 229 -9.23 -25.07 -35.41
CA SER D 229 -9.99 -26.30 -35.49
C SER D 229 -9.07 -27.41 -36.00
N GLY D 230 -8.08 -27.04 -36.79
CA GLY D 230 -7.06 -27.97 -37.23
C GLY D 230 -5.68 -27.72 -36.67
N ASP D 231 -4.76 -28.61 -37.09
CA ASP D 231 -3.40 -28.56 -36.60
C ASP D 231 -2.65 -27.27 -36.97
N GLU D 232 -2.93 -26.74 -38.14
CA GLU D 232 -2.41 -25.45 -38.53
C GLU D 232 -3.48 -24.36 -38.38
N VAL D 233 -3.07 -23.26 -37.78
CA VAL D 233 -3.93 -22.11 -37.60
C VAL D 233 -4.12 -21.39 -38.93
N LYS D 234 -5.37 -21.09 -39.24
CA LYS D 234 -5.73 -20.33 -40.42
C LYS D 234 -6.27 -19.00 -39.95
N VAL D 235 -5.80 -17.95 -40.58
CA VAL D 235 -6.09 -16.59 -40.15
C VAL D 235 -6.95 -15.87 -41.18
N ASP D 236 -7.61 -14.82 -40.72
CA ASP D 236 -8.53 -14.08 -41.58
C ASP D 236 -8.76 -12.70 -40.99
N GLY D 237 -9.38 -11.83 -41.80
CA GLY D 237 -9.59 -10.43 -41.49
C GLY D 237 -8.70 -9.48 -42.28
N PRO D 238 -8.96 -8.19 -42.18
CA PRO D 238 -9.97 -7.55 -41.30
C PRO D 238 -11.43 -7.54 -41.79
N TRP D 239 -12.36 -7.58 -40.86
CA TRP D 239 -13.66 -6.96 -41.09
C TRP D 239 -13.78 -5.83 -40.07
N SER D 240 -14.55 -4.82 -40.39
CA SER D 240 -14.68 -3.63 -39.53
C SER D 240 -15.83 -3.73 -38.57
N LEU D 241 -15.56 -3.36 -37.33
CA LEU D 241 -16.62 -3.24 -36.33
C LEU D 241 -17.62 -2.14 -36.64
N LEU D 242 -17.19 -1.18 -37.46
CA LEU D 242 -17.91 0.07 -37.70
C LEU D 242 -18.80 0.00 -38.94
N ASN D 243 -20.02 0.53 -38.85
CA ASN D 243 -20.83 0.80 -40.05
C ASN D 243 -20.62 2.26 -40.48
N ASP D 244 -21.34 2.72 -41.50
CA ASP D 244 -21.03 4.05 -42.06
C ASP D 244 -21.28 5.16 -41.05
N GLU D 245 -22.39 5.06 -40.33
CA GLU D 245 -22.74 6.04 -39.30
C GLU D 245 -21.72 6.11 -38.16
N ASP D 246 -21.07 4.98 -37.86
CA ASP D 246 -20.05 4.96 -36.81
C ASP D 246 -18.79 5.70 -37.23
N LYS D 247 -18.51 5.70 -38.54
CA LYS D 247 -17.25 6.27 -39.01
C LYS D 247 -17.13 7.75 -38.73
N ALA D 248 -18.24 8.45 -38.74
CA ALA D 248 -18.26 9.90 -38.57
C ALA D 248 -17.70 10.35 -37.20
N LYS D 249 -18.00 9.59 -36.15
CA LYS D 249 -17.56 9.92 -34.80
C LYS D 249 -16.26 9.23 -34.41
N ASN D 250 -15.60 8.60 -35.39
CA ASN D 250 -14.28 7.99 -35.18
C ASN D 250 -14.27 6.99 -34.02
N TRP D 251 -15.32 6.16 -33.95
CA TRP D 251 -15.39 5.09 -32.96
C TRP D 251 -14.25 4.09 -33.13
N VAL D 252 -13.63 3.72 -32.01
CA VAL D 252 -12.50 2.78 -32.00
C VAL D 252 -12.53 2.07 -30.64
N PRO D 253 -11.93 0.86 -30.56
CA PRO D 253 -11.90 0.18 -29.28
C PRO D 253 -10.92 0.82 -28.34
N GLY D 254 -11.14 0.57 -27.04
CA GLY D 254 -10.21 1.00 -26.04
C GLY D 254 -10.34 0.23 -24.76
N GLY D 255 -9.21 -0.02 -24.12
CA GLY D 255 -9.22 -0.67 -22.82
C GLY D 255 -8.06 -1.62 -22.67
N TYR D 256 -8.21 -2.58 -21.75
CA TYR D 256 -7.15 -3.51 -21.44
C TYR D 256 -7.58 -4.94 -21.74
N ASN D 257 -8.29 -5.58 -20.82
CA ASN D 257 -8.97 -6.85 -21.08
C ASN D 257 -10.35 -6.50 -21.69
N LEU D 258 -10.31 -6.05 -22.93
CA LEU D 258 -11.37 -5.22 -23.47
C LEU D 258 -12.43 -5.95 -24.34
N VAL D 259 -12.24 -7.24 -24.55
CA VAL D 259 -13.19 -8.02 -25.34
C VAL D 259 -13.57 -9.31 -24.62
N GLY D 260 -14.62 -9.94 -25.12
CA GLY D 260 -15.16 -11.17 -24.56
C GLY D 260 -16.01 -11.85 -25.61
N LEU D 261 -16.12 -13.16 -25.54
CA LEU D 261 -16.98 -13.94 -26.45
C LEU D 261 -17.96 -14.74 -25.62
N HIS D 262 -19.24 -14.65 -25.97
CA HIS D 262 -20.24 -15.53 -25.44
C HIS D 262 -20.36 -16.66 -26.48
N ARG D 263 -19.83 -17.85 -26.14
CA ARG D 263 -19.58 -18.88 -27.15
C ARG D 263 -20.85 -19.44 -27.75
N ALA D 264 -21.88 -19.63 -26.93
CA ALA D 264 -23.08 -20.26 -27.46
C ALA D 264 -23.73 -19.41 -28.57
N SER D 265 -23.67 -18.08 -28.44
CA SER D 265 -24.31 -17.16 -29.41
C SER D 265 -23.37 -16.62 -30.47
N GLY D 266 -22.06 -16.67 -30.21
CA GLY D 266 -21.08 -16.07 -31.09
C GLY D 266 -20.99 -14.57 -30.91
N ARG D 267 -21.57 -14.06 -29.82
CA ARG D 267 -21.55 -12.62 -29.55
C ARG D 267 -20.24 -12.23 -28.93
N MET D 268 -19.60 -11.23 -29.55
CA MET D 268 -18.39 -10.63 -29.06
C MET D 268 -18.72 -9.26 -28.45
N TYR D 269 -18.19 -9.05 -27.27
CA TYR D 269 -18.35 -7.81 -26.52
C TYR D 269 -17.06 -7.01 -26.62
N VAL D 270 -17.16 -5.70 -26.87
CA VAL D 270 -15.99 -4.86 -27.11
C VAL D 270 -16.21 -3.48 -26.52
N PHE D 271 -15.24 -3.01 -25.74
CA PHE D 271 -15.28 -1.62 -25.25
C PHE D 271 -14.85 -0.62 -26.33
N MET D 272 -15.65 0.45 -26.47
CA MET D 272 -15.48 1.40 -27.56
C MET D 272 -15.58 2.82 -27.04
N HIS D 273 -14.97 3.76 -27.77
CA HIS D 273 -15.16 5.19 -27.51
C HIS D 273 -15.07 6.00 -28.81
N PRO D 274 -15.76 7.15 -28.84
CA PRO D 274 -15.66 8.01 -30.03
C PRO D 274 -14.38 8.84 -30.04
N ASP D 275 -14.18 9.58 -31.13
CA ASP D 275 -13.10 10.52 -31.24
C ASP D 275 -11.74 9.82 -31.09
N GLY D 276 -11.68 8.62 -31.66
CA GLY D 276 -10.48 7.85 -31.68
C GLY D 276 -9.43 8.57 -32.48
N LYS D 277 -8.20 8.47 -32.00
CA LYS D 277 -7.03 8.95 -32.67
C LYS D 277 -5.83 8.30 -32.03
N GLU D 278 -4.65 8.59 -32.54
CA GLU D 278 -3.41 8.07 -31.96
C GLU D 278 -3.32 8.39 -30.46
N GLY D 279 -3.12 7.34 -29.65
CA GLY D 279 -3.01 7.46 -28.20
C GLY D 279 -4.28 7.22 -27.38
N THR D 280 -5.37 6.79 -28.02
CA THR D 280 -6.62 6.56 -27.29
C THR D 280 -6.96 5.09 -27.05
N HIS D 281 -6.01 4.21 -27.32
CA HIS D 281 -6.27 2.78 -27.29
C HIS D 281 -6.53 2.21 -25.88
N LYS D 282 -6.14 2.96 -24.84
CA LYS D 282 -6.45 2.54 -23.46
C LYS D 282 -7.53 3.40 -22.78
N PHE D 283 -8.27 4.20 -23.56
CA PHE D 283 -9.34 5.03 -23.01
C PHE D 283 -10.50 4.19 -22.51
N PRO D 284 -11.18 4.66 -21.46
CA PRO D 284 -12.34 3.98 -20.91
C PRO D 284 -13.49 3.88 -21.93
N ALA D 285 -14.36 2.91 -21.70
CA ALA D 285 -15.45 2.63 -22.60
C ALA D 285 -16.57 3.67 -22.50
N ALA D 286 -16.84 4.35 -23.61
CA ALA D 286 -18.05 5.15 -23.75
C ALA D 286 -19.22 4.23 -23.92
N GLU D 287 -19.00 3.16 -24.69
CA GLU D 287 -20.02 2.17 -24.96
C GLU D 287 -19.40 0.77 -24.96
N ILE D 288 -20.27 -0.20 -24.78
CA ILE D 288 -19.99 -1.62 -25.05
C ILE D 288 -20.81 -1.97 -26.28
N TRP D 289 -20.11 -2.40 -27.32
CA TRP D 289 -20.79 -2.94 -28.51
C TRP D 289 -20.84 -4.45 -28.47
N VAL D 290 -21.93 -5.00 -28.98
CA VAL D 290 -22.14 -6.44 -29.01
C VAL D 290 -22.22 -6.82 -30.48
N MET D 291 -21.29 -7.63 -30.93
CA MET D 291 -21.18 -8.01 -32.35
C MET D 291 -21.53 -9.47 -32.57
N ASP D 292 -22.37 -9.77 -33.55
CA ASP D 292 -22.53 -11.14 -34.00
C ASP D 292 -21.32 -11.46 -34.86
N THR D 293 -20.49 -12.40 -34.42
CA THR D 293 -19.27 -12.70 -35.14
C THR D 293 -19.52 -13.50 -36.43
N LYS D 294 -20.66 -14.18 -36.52
CA LYS D 294 -21.04 -14.88 -37.77
C LYS D 294 -21.46 -13.91 -38.90
N THR D 295 -22.37 -13.00 -38.58
CA THR D 295 -22.84 -12.01 -39.55
C THR D 295 -21.93 -10.80 -39.67
N LYS D 296 -21.03 -10.60 -38.70
CA LYS D 296 -20.03 -9.52 -38.76
C LYS D 296 -20.73 -8.17 -38.61
N GLN D 297 -21.77 -8.18 -37.78
CA GLN D 297 -22.65 -7.05 -37.56
C GLN D 297 -22.89 -6.76 -36.07
N ARG D 298 -23.01 -5.48 -35.73
CA ARG D 298 -23.40 -5.10 -34.39
C ARG D 298 -24.87 -5.43 -34.16
N VAL D 299 -25.17 -6.06 -33.02
CA VAL D 299 -26.53 -6.38 -32.62
C VAL D 299 -27.00 -5.56 -31.42
N ALA D 300 -26.08 -4.93 -30.71
CA ALA D 300 -26.47 -4.09 -29.56
C ALA D 300 -25.39 -3.12 -29.19
N ARG D 301 -25.79 -2.04 -28.50
CA ARG D 301 -24.83 -1.05 -27.97
C ARG D 301 -25.43 -0.50 -26.70
N ILE D 302 -24.61 -0.43 -25.66
CA ILE D 302 -25.04 0.14 -24.40
C ILE D 302 -23.98 1.05 -23.81
N PRO D 303 -24.40 1.86 -22.83
CA PRO D 303 -23.41 2.74 -22.18
C PRO D 303 -22.33 1.92 -21.45
N GLY D 304 -21.08 2.37 -21.56
CA GLY D 304 -19.92 1.63 -21.06
C GLY D 304 -19.54 1.83 -19.60
N ARG D 305 -20.05 2.89 -18.97
CA ARG D 305 -19.73 3.20 -17.57
C ARG D 305 -18.22 3.27 -17.31
N ASP D 306 -17.47 3.79 -18.28
CA ASP D 306 -16.03 4.03 -18.13
C ASP D 306 -15.23 2.76 -17.85
N ALA D 307 -15.77 1.62 -18.25
CA ALA D 307 -15.09 0.36 -18.05
C ALA D 307 -13.81 0.24 -18.88
N LEU D 308 -12.86 -0.54 -18.36
CA LEU D 308 -11.58 -0.79 -18.99
C LEU D 308 -11.32 -2.27 -19.26
N SER D 309 -11.94 -3.16 -18.46
CA SER D 309 -11.72 -4.60 -18.56
C SER D 309 -13.01 -5.36 -18.30
N MET D 310 -13.08 -6.56 -18.88
CA MET D 310 -14.26 -7.38 -18.78
C MET D 310 -13.89 -8.85 -18.65
N THR D 311 -14.88 -9.65 -18.31
CA THR D 311 -14.77 -11.11 -18.39
C THR D 311 -16.19 -11.63 -18.57
N ILE D 312 -16.30 -12.84 -19.11
CA ILE D 312 -17.58 -13.44 -19.41
C ILE D 312 -17.74 -14.80 -18.72
N ASP D 313 -18.93 -15.09 -18.19
CA ASP D 313 -19.25 -16.44 -17.72
C ASP D 313 -20.22 -17.10 -18.71
N GLN D 314 -19.80 -18.22 -19.29
CA GLN D 314 -20.57 -18.86 -20.35
C GLN D 314 -21.86 -19.47 -19.80
N GLN D 315 -21.72 -20.18 -18.68
CA GLN D 315 -22.79 -21.01 -18.12
C GLN D 315 -23.97 -20.20 -17.60
N ARG D 316 -23.66 -19.07 -16.96
CA ARG D 316 -24.69 -18.21 -16.38
C ARG D 316 -25.04 -17.03 -17.27
N ASN D 317 -24.38 -16.89 -18.43
CA ASN D 317 -24.66 -15.81 -19.36
C ASN D 317 -24.50 -14.46 -18.70
N LEU D 318 -23.30 -14.24 -18.16
CA LEU D 318 -22.96 -12.99 -17.46
C LEU D 318 -21.70 -12.37 -18.04
N MET D 319 -21.62 -11.05 -17.99
CA MET D 319 -20.43 -10.30 -18.29
C MET D 319 -20.15 -9.41 -17.06
N LEU D 320 -18.92 -9.41 -16.58
CA LEU D 320 -18.49 -8.39 -15.64
C LEU D 320 -17.71 -7.32 -16.37
N THR D 321 -17.89 -6.07 -15.93
CA THR D 321 -17.01 -4.99 -16.40
C THR D 321 -16.42 -4.28 -15.20
N LEU D 322 -15.29 -3.65 -15.42
CA LEU D 322 -14.45 -3.11 -14.37
C LEU D 322 -13.82 -1.81 -14.83
N ASP D 323 -13.98 -0.75 -14.03
CA ASP D 323 -13.46 0.56 -14.40
C ASP D 323 -12.17 0.93 -13.69
N GLY D 324 -11.59 -0.05 -12.98
CA GLY D 324 -10.43 0.16 -12.11
C GLY D 324 -10.73 0.02 -10.63
N GLY D 325 -11.96 0.36 -10.25
CA GLY D 325 -12.37 0.35 -8.85
C GLY D 325 -13.70 -0.30 -8.58
N ASN D 326 -14.58 -0.28 -9.58
CA ASN D 326 -15.93 -0.78 -9.46
C ASN D 326 -16.18 -1.90 -10.48
N VAL D 327 -16.97 -2.89 -10.06
CA VAL D 327 -17.37 -3.99 -10.93
C VAL D 327 -18.85 -3.95 -11.24
N ASN D 328 -19.18 -3.95 -12.53
CA ASN D 328 -20.55 -4.05 -12.98
C ASN D 328 -20.88 -5.46 -13.43
N VAL D 329 -22.06 -5.92 -13.04
CA VAL D 329 -22.56 -7.26 -13.40
C VAL D 329 -23.71 -7.12 -14.41
N TYR D 330 -23.54 -7.74 -15.57
CA TYR D 330 -24.54 -7.73 -16.63
C TYR D 330 -25.03 -9.14 -16.95
N ASP D 331 -26.33 -9.24 -17.15
CA ASP D 331 -26.99 -10.41 -17.77
C ASP D 331 -26.87 -10.24 -19.29
N ILE D 332 -26.18 -11.18 -19.93
CA ILE D 332 -26.02 -11.17 -21.39
C ILE D 332 -26.73 -12.39 -22.06
N SER D 333 -27.83 -12.84 -21.48
CA SER D 333 -28.58 -13.93 -22.07
C SER D 333 -29.32 -13.50 -23.35
N GLN D 334 -29.58 -12.20 -23.49
CA GLN D 334 -30.14 -11.63 -24.73
C GLN D 334 -29.08 -10.74 -25.38
N PRO D 335 -29.23 -10.40 -26.68
CA PRO D 335 -28.24 -9.56 -27.33
C PRO D 335 -27.99 -8.23 -26.62
N GLU D 336 -29.01 -7.57 -26.11
CA GLU D 336 -28.76 -6.38 -25.34
C GLU D 336 -28.47 -6.74 -23.88
N PRO D 337 -27.26 -6.40 -23.39
CA PRO D 337 -26.96 -6.73 -21.99
C PRO D 337 -27.83 -5.92 -21.01
N LYS D 338 -28.15 -6.50 -19.85
CA LYS D 338 -28.91 -5.80 -18.81
C LYS D 338 -28.04 -5.68 -17.55
N LEU D 339 -27.85 -4.45 -17.08
CA LEU D 339 -27.11 -4.17 -15.86
C LEU D 339 -27.89 -4.62 -14.63
N LEU D 340 -27.34 -5.56 -13.87
CA LEU D 340 -27.96 -6.07 -12.67
C LEU D 340 -27.53 -5.30 -11.43
N ARG D 341 -26.23 -5.04 -11.28
CA ARG D 341 -25.75 -4.34 -10.12
C ARG D 341 -24.32 -3.86 -10.33
N THR D 342 -23.91 -2.90 -9.50
CA THR D 342 -22.54 -2.44 -9.47
C THR D 342 -21.98 -2.68 -8.05
N ILE D 343 -20.78 -3.25 -7.99
CA ILE D 343 -20.05 -3.44 -6.72
C ILE D 343 -19.07 -2.28 -6.61
N GLU D 344 -19.35 -1.35 -5.71
CA GLU D 344 -18.50 -0.18 -5.61
C GLU D 344 -17.29 -0.46 -4.72
N GLY D 345 -16.14 0.05 -5.11
CA GLY D 345 -14.94 -0.02 -4.30
C GLY D 345 -14.39 -1.42 -4.14
N ALA D 346 -14.51 -2.23 -5.20
CA ALA D 346 -13.96 -3.57 -5.19
C ALA D 346 -12.44 -3.58 -5.21
N ALA D 347 -11.82 -2.49 -5.68
CA ALA D 347 -10.37 -2.35 -5.78
C ALA D 347 -9.97 -0.88 -5.86
N GLU D 348 -8.68 -0.59 -5.64
CA GLU D 348 -8.12 0.74 -5.90
C GLU D 348 -7.62 0.87 -7.32
N ALA D 349 -7.08 -0.22 -7.87
CA ALA D 349 -6.44 -0.16 -9.20
C ALA D 349 -6.40 -1.56 -9.83
N SER D 350 -7.55 -2.02 -10.29
CA SER D 350 -7.68 -3.36 -10.86
C SER D 350 -8.04 -3.25 -12.32
N LEU D 351 -7.31 -3.94 -13.14
CA LEU D 351 -7.63 -4.09 -14.56
C LEU D 351 -8.01 -5.54 -14.91
N GLN D 352 -8.32 -6.34 -13.90
CA GLN D 352 -8.69 -7.73 -14.17
C GLN D 352 -9.63 -8.32 -13.14
N VAL D 353 -10.75 -8.86 -13.61
CA VAL D 353 -11.70 -9.62 -12.79
C VAL D 353 -11.97 -10.96 -13.47
N GLN D 354 -12.14 -12.02 -12.67
CA GLN D 354 -12.38 -13.37 -13.18
C GLN D 354 -13.43 -14.06 -12.32
N PHE D 355 -14.25 -14.88 -12.97
CA PHE D 355 -15.19 -15.78 -12.27
C PHE D 355 -14.48 -17.02 -11.72
N HIS D 356 -14.95 -17.51 -10.58
CA HIS D 356 -14.68 -18.91 -10.19
C HIS D 356 -15.32 -19.85 -11.24
N PRO D 357 -14.57 -20.83 -11.74
CA PRO D 357 -15.13 -21.79 -12.68
C PRO D 357 -16.24 -22.62 -12.06
N VAL D 358 -17.29 -22.90 -12.83
CA VAL D 358 -18.42 -23.71 -12.38
C VAL D 358 -18.77 -24.77 -13.42
C6 PNZ E . 4.27 -2.38 -13.54
C7 PNZ E . 5.36 -1.60 -13.21
C8 PNZ E . 5.53 -0.18 -14.02
C9 PNZ E . 4.58 0.14 -14.98
C4 PNZ E . 3.52 -0.76 -15.24
C5 PNZ E . 3.36 -1.98 -14.55
N2 PNZ E . 5.58 1.41 -16.99
C3 PNZ E . 4.73 1.40 -15.78
N10 PNZ E . 4.14 -3.57 -12.90
O11 PNZ E . 4.98 -3.87 -12.08
O12 PNZ E . 3.19 -4.27 -13.14
C6 PNZ F . -5.85 1.39 -14.05
C7 PNZ F . -6.13 2.23 -15.12
C8 PNZ F . -4.85 2.76 -15.99
C9 PNZ F . -3.61 2.31 -15.64
C4 PNZ F . -3.45 1.49 -14.52
C5 PNZ F . -4.55 1.02 -13.75
N2 PNZ F . -1.54 3.81 -15.73
C3 PNZ F . -2.41 2.80 -16.36
N10 PNZ F . -6.87 0.94 -13.29
O11 PNZ F . -7.99 1.29 -13.58
O12 PNZ F . -6.62 0.21 -12.39
C6 PNZ G . -3.68 9.02 11.12
C7 PNZ G . -3.13 7.74 11.11
C8 PNZ G . -3.88 6.61 12.15
C9 PNZ G . -4.96 7.03 12.91
C4 PNZ G . -5.42 8.36 12.80
C5 PNZ G . -4.82 9.33 11.94
N2 PNZ G . -6.77 5.23 13.25
C3 PNZ G . -5.68 6.06 13.80
N10 PNZ G . -3.17 9.97 10.33
O11 PNZ G . -2.20 9.74 9.62
O12 PNZ G . -3.70 11.05 10.39
C6 PNZ H . -0.08 -0.69 13.81
C7 PNZ H . -0.80 -1.84 13.55
C8 PNZ H . -2.26 -1.89 13.98
C9 PNZ H . -2.80 -0.80 14.63
C4 PNZ H . -1.99 0.31 14.89
C5 PNZ H . -0.68 0.37 14.49
N2 PNZ H . -4.51 -1.30 16.48
C3 PNZ H . -4.22 -0.84 15.10
N10 PNZ H . 1.24 -0.64 13.44
O11 PNZ H . 1.71 -1.60 12.94
O12 PNZ H . 1.88 0.37 13.63
#